data_7ZUR
# 
_entry.id   7ZUR 
# 
_audit_conform.dict_name       mmcif_pdbx.dic 
_audit_conform.dict_version    5.384 
_audit_conform.dict_location   http://mmcif.pdb.org/dictionaries/ascii/mmcif_pdbx.dic 
# 
loop_
_database_2.database_id 
_database_2.database_code 
_database_2.pdbx_database_accession 
_database_2.pdbx_DOI 
PDB   7ZUR         pdb_00007zur 10.2210/pdb7zur/pdb 
WWPDB D_1292122842 ?            ?                   
# 
loop_
_pdbx_audit_revision_history.ordinal 
_pdbx_audit_revision_history.data_content_type 
_pdbx_audit_revision_history.major_revision 
_pdbx_audit_revision_history.minor_revision 
_pdbx_audit_revision_history.revision_date 
1 'Structure model' 1 0 2022-12-07 
2 'Structure model' 1 1 2023-11-22 
3 'Structure model' 1 2 2024-01-31 
# 
_pdbx_audit_revision_details.ordinal             1 
_pdbx_audit_revision_details.revision_ordinal    1 
_pdbx_audit_revision_details.data_content_type   'Structure model' 
_pdbx_audit_revision_details.provider            repository 
_pdbx_audit_revision_details.type                'Initial release' 
_pdbx_audit_revision_details.description         ? 
_pdbx_audit_revision_details.details             ? 
# 
loop_
_pdbx_audit_revision_group.ordinal 
_pdbx_audit_revision_group.revision_ordinal 
_pdbx_audit_revision_group.data_content_type 
_pdbx_audit_revision_group.group 
1 2 'Structure model' 'Data collection'        
2 2 'Structure model' 'Database references'    
3 3 'Structure model' 'Refinement description' 
# 
loop_
_pdbx_audit_revision_category.ordinal 
_pdbx_audit_revision_category.revision_ordinal 
_pdbx_audit_revision_category.data_content_type 
_pdbx_audit_revision_category.category 
1 2 'Structure model' chem_comp_atom                
2 2 'Structure model' chem_comp_bond                
3 2 'Structure model' pdbx_related_exp_data_set     
4 3 'Structure model' pdbx_initial_refinement_model 
# 
_pdbx_database_status.status_code                     REL 
_pdbx_database_status.status_code_sf                  REL 
_pdbx_database_status.status_code_mr                  ? 
_pdbx_database_status.entry_id                        7ZUR 
_pdbx_database_status.recvd_initial_deposition_date   2022-05-13 
_pdbx_database_status.SG_entry                        N 
_pdbx_database_status.deposit_site                    PDBE 
_pdbx_database_status.process_site                    PDBE 
_pdbx_database_status.status_code_cs                  ? 
_pdbx_database_status.status_code_nmr_data            ? 
_pdbx_database_status.methods_development_category    ? 
_pdbx_database_status.pdb_format_compatible           Y 
# 
_pdbx_database_related.db_name        PDB 
_pdbx_database_related.details        . 
_pdbx_database_related.db_id          6S15 
_pdbx_database_related.content_type   unspecified 
# 
loop_
_pdbx_contact_author.id 
_pdbx_contact_author.email 
_pdbx_contact_author.name_first 
_pdbx_contact_author.name_last 
_pdbx_contact_author.name_mi 
_pdbx_contact_author.role 
_pdbx_contact_author.identifier_ORCID 
2 carla.bazzicalupi@unifi.it Carla Bazzicalupi ? 'principal investigator/group leader' 0000-0003-4602-0405 
3 marta.ferraroni@unifi.it   Marta Ferraroni   ? 'principal investigator/group leader' 0000-0001-7258-738X 
# 
loop_
_audit_author.name 
_audit_author.pdbx_ordinal 
_audit_author.identifier_ORCID 
'Bazzicalupi, C.' 1 ? 
'Ferraroni, M.'   2 ? 
'Gratteri, P.'    3 ? 
'Papi, F.'        4 ? 
# 
_citation.abstract                  ? 
_citation.abstract_id_CAS           ? 
_citation.book_id_ISBN              ? 
_citation.book_publisher            ? 
_citation.book_publisher_city       ? 
_citation.book_title                ? 
_citation.coordinate_linkage        ? 
_citation.country                   CH 
_citation.database_id_Medline       ? 
_citation.details                   ? 
_citation.id                        primary 
_citation.journal_abbrev            'Int J Mol Sci' 
_citation.journal_id_ASTM           ? 
_citation.journal_id_CSD            ? 
_citation.journal_id_ISSN           1422-0067 
_citation.journal_full              ? 
_citation.journal_issue             ? 
_citation.journal_volume            23 
_citation.language                  ? 
_citation.page_first                ? 
_citation.page_last                 ? 
_citation.title                     
;Probing the Efficiency of 13-Pyridylalkyl Berberine Derivatives to Human Telomeric G-Quadruplexes Binding: Spectroscopic, Solid State and In Silico Analysis.
;
_citation.year                      2022 
_citation.database_id_CSD           ? 
_citation.pdbx_database_id_DOI      10.3390/ijms232214061 
_citation.pdbx_database_id_PubMed   36430540 
_citation.pdbx_database_id_patent   ? 
_citation.unpublished_flag          ? 
# 
loop_
_citation_author.citation_id 
_citation_author.name 
_citation_author.ordinal 
_citation_author.identifier_ORCID 
primary 'Bazzicalupi, C.' 1 0000-0003-4602-0405 
primary 'Bonardi, A.'     2 0000-0002-5520-740X 
primary 'Biver, T.'       3 0000-0001-8512-8422 
primary 'Ferraroni, M.'   4 0000-0001-7258-738X 
primary 'Papi, F.'        5 ?                   
primary 'Savastano, M.'   6 0000-0002-9780-7542 
primary 'Lombardi, P.'    7 0000-0002-7971-7404 
primary 'Gratteri, P.'    8 0000-0002-9137-2509 
# 
loop_
_entity.id 
_entity.type 
_entity.src_method 
_entity.pdbx_description 
_entity.formula_weight 
_entity.pdbx_number_of_molecules 
_entity.pdbx_ec 
_entity.pdbx_mutation 
_entity.pdbx_fragment 
_entity.details 
1 polymer     syn 'DNA TAGGGTTAGGGT' 3773.462 1 ? ? ? ? 
2 non-polymer syn 'POTASSIUM ION' 39.098   2 ? ? ? ? 
3 non-polymer syn 
;16,17-dimethoxy-21-(4-pyridin-4-ylbutyl)-5,7-dioxa-13$l^{4}-azapentacyclo[11.8.0.0^{2,10}.0^{4,8}.0^{15,20}]henicosa-1(21),2(10),3,8,13,15,17,19-octaene
;
469.552  1 ? ? ? ? 
4 water       nat water 18.015   2 ? ? ? ? 
# 
_entity_poly.entity_id                      1 
_entity_poly.type                           polydeoxyribonucleotide 
_entity_poly.nstd_linkage                   no 
_entity_poly.nstd_monomer                   no 
_entity_poly.pdbx_seq_one_letter_code       '(DT)(DA)(DG)(DG)(DG)(DT)(DT)(DA)(DG)(DG)(DG)(DT)' 
_entity_poly.pdbx_seq_one_letter_code_can   TAGGGTTAGGGT 
_entity_poly.pdbx_strand_id                 A 
_entity_poly.pdbx_target_identifier         ? 
# 
loop_
_pdbx_entity_nonpoly.entity_id 
_pdbx_entity_nonpoly.name 
_pdbx_entity_nonpoly.comp_id 
2 'POTASSIUM ION' K   
3 
;16,17-dimethoxy-21-(4-pyridin-4-ylbutyl)-5,7-dioxa-13$l^{4}-azapentacyclo[11.8.0.0^{2,10}.0^{4,8}.0^{15,20}]henicosa-1(21),2(10),3,8,13,15,17,19-octaene
;
K0F 
4 water HOH 
# 
loop_
_entity_poly_seq.entity_id 
_entity_poly_seq.num 
_entity_poly_seq.mon_id 
_entity_poly_seq.hetero 
1 1  DT n 
1 2  DA n 
1 3  DG n 
1 4  DG n 
1 5  DG n 
1 6  DT n 
1 7  DT n 
1 8  DA n 
1 9  DG n 
1 10 DG n 
1 11 DG n 
1 12 DT n 
# 
_pdbx_entity_src_syn.entity_id              1 
_pdbx_entity_src_syn.pdbx_src_id            1 
_pdbx_entity_src_syn.pdbx_alt_source_flag   sample 
_pdbx_entity_src_syn.pdbx_beg_seq_num       1 
_pdbx_entity_src_syn.pdbx_end_seq_num       12 
_pdbx_entity_src_syn.organism_scientific    'Homo sapiens' 
_pdbx_entity_src_syn.organism_common_name   ? 
_pdbx_entity_src_syn.ncbi_taxonomy_id       9606 
_pdbx_entity_src_syn.details                ? 
# 
loop_
_chem_comp.id 
_chem_comp.type 
_chem_comp.mon_nstd_flag 
_chem_comp.name 
_chem_comp.pdbx_synonyms 
_chem_comp.formula 
_chem_comp.formula_weight 
DA  'DNA linking' y "2'-DEOXYADENOSINE-5'-MONOPHOSPHATE" ?         'C10 H14 N5 O6 P' 331.222 
DG  'DNA linking' y "2'-DEOXYGUANOSINE-5'-MONOPHOSPHATE" ?         'C10 H14 N5 O7 P' 347.221 
DT  'DNA linking' y "THYMIDINE-5'-MONOPHOSPHATE" ?         'C10 H15 N2 O8 P' 322.208 
HOH non-polymer   . WATER ?         'H2 O'            18.015  
K   non-polymer   . 'POTASSIUM ION' ?         'K 1'             39.098  
K0F non-polymer   . 
;16,17-dimethoxy-21-(4-pyridin-4-ylbutyl)-5,7-dioxa-13$l^{4}-azapentacyclo[11.8.0.0^{2,10}.0^{4,8}.0^{15,20}]henicosa-1(21),2(10),3,8,13,15,17,19-octaene
;
Berberine 'C29 H29 N2 O4 1' 469.552 
# 
loop_
_pdbx_poly_seq_scheme.asym_id 
_pdbx_poly_seq_scheme.entity_id 
_pdbx_poly_seq_scheme.seq_id 
_pdbx_poly_seq_scheme.mon_id 
_pdbx_poly_seq_scheme.ndb_seq_num 
_pdbx_poly_seq_scheme.pdb_seq_num 
_pdbx_poly_seq_scheme.auth_seq_num 
_pdbx_poly_seq_scheme.pdb_mon_id 
_pdbx_poly_seq_scheme.auth_mon_id 
_pdbx_poly_seq_scheme.pdb_strand_id 
_pdbx_poly_seq_scheme.pdb_ins_code 
_pdbx_poly_seq_scheme.hetero 
A 1 1  DT 1  1  1  DT DT A . n 
A 1 2  DA 2  2  2  DA DA A . n 
A 1 3  DG 3  3  3  DG DG A . n 
A 1 4  DG 4  4  4  DG DG A . n 
A 1 5  DG 5  5  5  DG DG A . n 
A 1 6  DT 6  6  6  DT DT A . n 
A 1 7  DT 7  7  7  DT DT A . n 
A 1 8  DA 8  8  8  DA DA A . n 
A 1 9  DG 9  9  9  DG DG A . n 
A 1 10 DG 10 10 10 DG DG A . n 
A 1 11 DG 11 11 11 DG DG A . n 
A 1 12 DT 12 12 12 DT DT A . n 
# 
loop_
_pdbx_nonpoly_scheme.asym_id 
_pdbx_nonpoly_scheme.entity_id 
_pdbx_nonpoly_scheme.mon_id 
_pdbx_nonpoly_scheme.ndb_seq_num 
_pdbx_nonpoly_scheme.pdb_seq_num 
_pdbx_nonpoly_scheme.auth_seq_num 
_pdbx_nonpoly_scheme.pdb_mon_id 
_pdbx_nonpoly_scheme.auth_mon_id 
_pdbx_nonpoly_scheme.pdb_strand_id 
_pdbx_nonpoly_scheme.pdb_ins_code 
B 2 K   1 101 1 K   K   A . 
C 2 K   1 102 2 K   K   A . 
D 3 K0F 1 103 1 K0F NSS A . 
E 4 HOH 1 201 2 HOH HOH A . 
E 4 HOH 2 202 1 HOH HOH A . 
# 
loop_
_pdbx_unobs_or_zero_occ_atoms.id 
_pdbx_unobs_or_zero_occ_atoms.PDB_model_num 
_pdbx_unobs_or_zero_occ_atoms.polymer_flag 
_pdbx_unobs_or_zero_occ_atoms.occupancy_flag 
_pdbx_unobs_or_zero_occ_atoms.auth_asym_id 
_pdbx_unobs_or_zero_occ_atoms.auth_comp_id 
_pdbx_unobs_or_zero_occ_atoms.auth_seq_id 
_pdbx_unobs_or_zero_occ_atoms.PDB_ins_code 
_pdbx_unobs_or_zero_occ_atoms.auth_atom_id 
_pdbx_unobs_or_zero_occ_atoms.label_alt_id 
_pdbx_unobs_or_zero_occ_atoms.label_asym_id 
_pdbx_unobs_or_zero_occ_atoms.label_comp_id 
_pdbx_unobs_or_zero_occ_atoms.label_seq_id 
_pdbx_unobs_or_zero_occ_atoms.label_atom_id 
1  1 Y 1 A DT 1 ? "O5'" ? A DT 1 "O5'" 
2  1 Y 0 A DT 6 ? N1    ? A DT 6 N1    
3  1 Y 0 A DT 6 ? C2    ? A DT 6 C2    
4  1 Y 0 A DT 6 ? O2    ? A DT 6 O2    
5  1 Y 0 A DT 6 ? N3    ? A DT 6 N3    
6  1 Y 0 A DT 6 ? C4    ? A DT 6 C4    
7  1 Y 0 A DT 6 ? O4    ? A DT 6 O4    
8  1 Y 0 A DT 6 ? C5    ? A DT 6 C5    
9  1 Y 0 A DT 6 ? C7    ? A DT 6 C7    
10 1 Y 0 A DT 6 ? C6    ? A DT 6 C6    
# 
loop_
_software.citation_id 
_software.classification 
_software.compiler_name 
_software.compiler_version 
_software.contact_author 
_software.contact_author_email 
_software.date 
_software.description 
_software.dependencies 
_software.hardware 
_software.language 
_software.location 
_software.mods 
_software.name 
_software.os 
_software.os_version 
_software.type 
_software.version 
_software.pdbx_ordinal 
? 'data reduction'  ? ? ? ? ? ? ? ? ? ? ? XDS         ? ? ? .        1 
? 'data scaling'    ? ? ? ? ? ? ? ? ? ? ? XSCALE      ? ? ? .        2 
? refinement        ? ? ? ? ? ? ? ? ? ? ? REFMAC      ? ? ? 5.8.0151 3 
? 'data extraction' ? ? ? ? ? ? ? ? ? ? ? PDB_EXTRACT ? ? ? 3.27     4 
? phasing           ? ? ? ? ? ? ? ? ? ? ? PHASER      ? ? ? .        5 
# 
_cell.angle_alpha                  90.000 
_cell.angle_alpha_esd              ? 
_cell.angle_beta                   90.000 
_cell.angle_beta_esd               ? 
_cell.angle_gamma                  90.000 
_cell.angle_gamma_esd              ? 
_cell.entry_id                     7ZUR 
_cell.details                      ? 
_cell.formula_units_Z              ? 
_cell.length_a                     42.100 
_cell.length_a_esd                 ? 
_cell.length_b                     42.100 
_cell.length_b_esd                 ? 
_cell.length_c                     34.150 
_cell.length_c_esd                 ? 
_cell.volume                       ? 
_cell.volume_esd                   ? 
_cell.Z_PDB                        8 
_cell.reciprocal_angle_alpha       ? 
_cell.reciprocal_angle_beta        ? 
_cell.reciprocal_angle_gamma       ? 
_cell.reciprocal_angle_alpha_esd   ? 
_cell.reciprocal_angle_beta_esd    ? 
_cell.reciprocal_angle_gamma_esd   ? 
_cell.reciprocal_length_a          ? 
_cell.reciprocal_length_b          ? 
_cell.reciprocal_length_c          ? 
_cell.reciprocal_length_a_esd      ? 
_cell.reciprocal_length_b_esd      ? 
_cell.reciprocal_length_c_esd      ? 
_cell.pdbx_unique_axis             ? 
_cell.pdbx_esd_method              ? 
# 
_symmetry.entry_id                         7ZUR 
_symmetry.cell_setting                     ? 
_symmetry.Int_Tables_number                94 
_symmetry.space_group_name_Hall            ? 
_symmetry.space_group_name_H-M             'P 42 21 2' 
_symmetry.pdbx_full_space_group_name_H-M   ? 
# 
_exptl.absorpt_coefficient_mu     ? 
_exptl.absorpt_correction_T_max   ? 
_exptl.absorpt_correction_T_min   ? 
_exptl.absorpt_correction_type    ? 
_exptl.absorpt_process_details    ? 
_exptl.entry_id                   7ZUR 
_exptl.crystals_number            1 
_exptl.details                    ? 
_exptl.method                     'X-RAY DIFFRACTION' 
_exptl.method_details             ? 
# 
_exptl_crystal.colour                       ? 
_exptl_crystal.density_diffrn               ? 
_exptl_crystal.density_Matthews             1.93 
_exptl_crystal.density_method               ? 
_exptl_crystal.density_percent_sol          0.57 
_exptl_crystal.description                  ? 
_exptl_crystal.F_000                        ? 
_exptl_crystal.id                           1 
_exptl_crystal.preparation                  ? 
_exptl_crystal.size_max                     ? 
_exptl_crystal.size_mid                     ? 
_exptl_crystal.size_min                     ? 
_exptl_crystal.size_rad                     ? 
_exptl_crystal.colour_lustre                ? 
_exptl_crystal.colour_modifier              ? 
_exptl_crystal.colour_primary               ? 
_exptl_crystal.density_meas                 ? 
_exptl_crystal.density_meas_esd             ? 
_exptl_crystal.density_meas_gt              ? 
_exptl_crystal.density_meas_lt              ? 
_exptl_crystal.density_meas_temp            ? 
_exptl_crystal.density_meas_temp_esd        ? 
_exptl_crystal.density_meas_temp_gt         ? 
_exptl_crystal.density_meas_temp_lt         ? 
_exptl_crystal.pdbx_crystal_image_url       ? 
_exptl_crystal.pdbx_crystal_image_format    ? 
_exptl_crystal.pdbx_mosaicity               ? 
_exptl_crystal.pdbx_mosaicity_esd           ? 
_exptl_crystal.pdbx_mosaic_method           ? 
_exptl_crystal.pdbx_mosaic_block_size       ? 
_exptl_crystal.pdbx_mosaic_block_size_esd   ? 
# 
_exptl_crystal_grow.apparatus       ? 
_exptl_crystal_grow.atmosphere      ? 
_exptl_crystal_grow.crystal_id      1 
_exptl_crystal_grow.details         ? 
_exptl_crystal_grow.method          'VAPOR DIFFUSION, SITTING DROP' 
_exptl_crystal_grow.method_ref      ? 
_exptl_crystal_grow.pH              6.5 
_exptl_crystal_grow.pressure        ? 
_exptl_crystal_grow.pressure_esd    ? 
_exptl_crystal_grow.seeding         ? 
_exptl_crystal_grow.seeding_ref     ? 
_exptl_crystal_grow.temp            296 
_exptl_crystal_grow.temp_details    ? 
_exptl_crystal_grow.temp_esd        ? 
_exptl_crystal_grow.time            ? 
_exptl_crystal_grow.pdbx_details    'Kcacodylate, Li2SO4, PEG400' 
_exptl_crystal_grow.pdbx_pH_range   ? 
# 
_diffrn.ambient_environment              ? 
_diffrn.ambient_temp                     100 
_diffrn.ambient_temp_details             ? 
_diffrn.ambient_temp_esd                 ? 
_diffrn.crystal_id                       1 
_diffrn.crystal_support                  ? 
_diffrn.crystal_treatment                ? 
_diffrn.details                          ? 
_diffrn.id                               1 
_diffrn.ambient_pressure                 ? 
_diffrn.ambient_pressure_esd             ? 
_diffrn.ambient_pressure_gt              ? 
_diffrn.ambient_pressure_lt              ? 
_diffrn.ambient_temp_gt                  ? 
_diffrn.ambient_temp_lt                  ? 
_diffrn.pdbx_serial_crystal_experiment   N 
# 
_diffrn_detector.details                      ? 
_diffrn_detector.detector                     PIXEL 
_diffrn_detector.diffrn_id                    1 
_diffrn_detector.type                         'DECTRIS PILATUS3 6M' 
_diffrn_detector.area_resol_mean              ? 
_diffrn_detector.dtime                        ? 
_diffrn_detector.pdbx_frames_total            ? 
_diffrn_detector.pdbx_collection_time_total   ? 
_diffrn_detector.pdbx_collection_date         2016-12-12 
_diffrn_detector.pdbx_frequency               ? 
# 
_diffrn_radiation.collimation                      ? 
_diffrn_radiation.diffrn_id                        1 
_diffrn_radiation.filter_edge                      ? 
_diffrn_radiation.inhomogeneity                    ? 
_diffrn_radiation.monochromator                    ? 
_diffrn_radiation.polarisn_norm                    ? 
_diffrn_radiation.polarisn_ratio                   ? 
_diffrn_radiation.probe                            ? 
_diffrn_radiation.type                             ? 
_diffrn_radiation.xray_symbol                      ? 
_diffrn_radiation.wavelength_id                    1 
_diffrn_radiation.pdbx_monochromatic_or_laue_m_l   M 
_diffrn_radiation.pdbx_wavelength_list             ? 
_diffrn_radiation.pdbx_wavelength                  ? 
_diffrn_radiation.pdbx_diffrn_protocol             'SINGLE WAVELENGTH' 
_diffrn_radiation.pdbx_analyzer                    ? 
_diffrn_radiation.pdbx_scattering_type             x-ray 
# 
_diffrn_radiation_wavelength.id           1 
_diffrn_radiation_wavelength.wavelength   0.97264 
_diffrn_radiation_wavelength.wt           1.0 
# 
_diffrn_source.current                     ? 
_diffrn_source.details                     ? 
_diffrn_source.diffrn_id                   1 
_diffrn_source.power                       ? 
_diffrn_source.size                        ? 
_diffrn_source.source                      SYNCHROTRON 
_diffrn_source.target                      ? 
_diffrn_source.type                        'ESRF BEAMLINE ID30B' 
_diffrn_source.voltage                     ? 
_diffrn_source.take-off_angle              ? 
_diffrn_source.pdbx_wavelength_list        0.97264 
_diffrn_source.pdbx_wavelength             ? 
_diffrn_source.pdbx_synchrotron_beamline   ID30B 
_diffrn_source.pdbx_synchrotron_site       ESRF 
# 
_reflns.B_iso_Wilson_estimate                          51.743 
_reflns.entry_id                                       7ZUR 
_reflns.data_reduction_details                         ? 
_reflns.data_reduction_method                          ? 
_reflns.d_resolution_high                              1.490 
_reflns.d_resolution_low                               29.770 
_reflns.details                                        ? 
_reflns.limit_h_max                                    ? 
_reflns.limit_h_min                                    ? 
_reflns.limit_k_max                                    ? 
_reflns.limit_k_min                                    ? 
_reflns.limit_l_max                                    ? 
_reflns.limit_l_min                                    ? 
_reflns.number_all                                     ? 
_reflns.number_obs                                     5252 
_reflns.observed_criterion                             ? 
_reflns.observed_criterion_F_max                       ? 
_reflns.observed_criterion_F_min                       ? 
_reflns.observed_criterion_I_max                       ? 
_reflns.observed_criterion_I_min                       ? 
_reflns.observed_criterion_sigma_F                     ? 
_reflns.observed_criterion_sigma_I                     ? 
_reflns.percent_possible_obs                           98.200 
_reflns.R_free_details                                 ? 
_reflns.Rmerge_F_all                                   ? 
_reflns.Rmerge_F_obs                                   ? 
_reflns.Friedel_coverage                               ? 
_reflns.number_gt                                      ? 
_reflns.threshold_expression                           ? 
_reflns.pdbx_redundancy                                10.697 
_reflns.pdbx_Rmerge_I_obs                              0.060 
_reflns.pdbx_Rmerge_I_all                              ? 
_reflns.pdbx_Rsym_value                                ? 
_reflns.pdbx_netI_over_av_sigmaI                       ? 
_reflns.pdbx_netI_over_sigmaI                          9.200 
_reflns.pdbx_res_netI_over_av_sigmaI_2                 ? 
_reflns.pdbx_res_netI_over_sigmaI_2                    ? 
_reflns.pdbx_chi_squared                               1.077 
_reflns.pdbx_scaling_rejects                           29 
_reflns.pdbx_d_res_high_opt                            ? 
_reflns.pdbx_d_res_low_opt                             ? 
_reflns.pdbx_d_res_opt_method                          ? 
_reflns.phase_calculation_details                      ? 
_reflns.pdbx_Rrim_I_all                                0.065 
_reflns.pdbx_Rpim_I_all                                ? 
_reflns.pdbx_d_opt                                     ? 
_reflns.pdbx_number_measured_all                       56180 
_reflns.pdbx_diffrn_id                                 1 
_reflns.pdbx_ordinal                                   1 
_reflns.pdbx_CC_half                                   0.999 
_reflns.pdbx_CC_star                                   ? 
_reflns.pdbx_R_split                                   ? 
_reflns.pdbx_aniso_diffraction_limit_axis_1_ortho[1]   ? 
_reflns.pdbx_aniso_diffraction_limit_axis_1_ortho[2]   ? 
_reflns.pdbx_aniso_diffraction_limit_axis_1_ortho[3]   ? 
_reflns.pdbx_aniso_diffraction_limit_axis_2_ortho[1]   ? 
_reflns.pdbx_aniso_diffraction_limit_axis_2_ortho[2]   ? 
_reflns.pdbx_aniso_diffraction_limit_axis_2_ortho[3]   ? 
_reflns.pdbx_aniso_diffraction_limit_axis_3_ortho[1]   ? 
_reflns.pdbx_aniso_diffraction_limit_axis_3_ortho[2]   ? 
_reflns.pdbx_aniso_diffraction_limit_axis_3_ortho[3]   ? 
_reflns.pdbx_aniso_diffraction_limit_1                 ? 
_reflns.pdbx_aniso_diffraction_limit_2                 ? 
_reflns.pdbx_aniso_diffraction_limit_3                 ? 
_reflns.pdbx_aniso_B_tensor_eigenvector_1_ortho[1]     ? 
_reflns.pdbx_aniso_B_tensor_eigenvector_1_ortho[2]     ? 
_reflns.pdbx_aniso_B_tensor_eigenvector_1_ortho[3]     ? 
_reflns.pdbx_aniso_B_tensor_eigenvector_2_ortho[1]     ? 
_reflns.pdbx_aniso_B_tensor_eigenvector_2_ortho[2]     ? 
_reflns.pdbx_aniso_B_tensor_eigenvector_2_ortho[3]     ? 
_reflns.pdbx_aniso_B_tensor_eigenvector_3_ortho[1]     ? 
_reflns.pdbx_aniso_B_tensor_eigenvector_3_ortho[2]     ? 
_reflns.pdbx_aniso_B_tensor_eigenvector_3_ortho[3]     ? 
_reflns.pdbx_aniso_B_tensor_eigenvalue_1               ? 
_reflns.pdbx_aniso_B_tensor_eigenvalue_2               ? 
_reflns.pdbx_aniso_B_tensor_eigenvalue_3               ? 
_reflns.pdbx_orthogonalization_convention              ? 
_reflns.pdbx_percent_possible_ellipsoidal              ? 
_reflns.pdbx_percent_possible_spherical                ? 
_reflns.pdbx_percent_possible_ellipsoidal_anomalous    ? 
_reflns.pdbx_percent_possible_spherical_anomalous      ? 
_reflns.pdbx_redundancy_anomalous                      ? 
_reflns.pdbx_CC_half_anomalous                         ? 
_reflns.pdbx_absDiff_over_sigma_anomalous              ? 
_reflns.pdbx_percent_possible_anomalous                ? 
_reflns.pdbx_observed_signal_threshold                 ? 
_reflns.pdbx_signal_type                               ? 
_reflns.pdbx_signal_details                            ? 
_reflns.pdbx_signal_software_id                        ? 
_reflns.pdbx_CC_split_method                           ? 
# 
loop_
_reflns_shell.d_res_high 
_reflns_shell.d_res_low 
_reflns_shell.meanI_over_sigI_all 
_reflns_shell.meanI_over_sigI_obs 
_reflns_shell.number_measured_all 
_reflns_shell.number_measured_obs 
_reflns_shell.number_possible 
_reflns_shell.number_unique_all 
_reflns_shell.number_unique_obs 
_reflns_shell.percent_possible_all 
_reflns_shell.percent_possible_obs 
_reflns_shell.Rmerge_F_all 
_reflns_shell.Rmerge_F_obs 
_reflns_shell.Rmerge_I_all 
_reflns_shell.Rmerge_I_obs 
_reflns_shell.meanI_over_sigI_gt 
_reflns_shell.meanI_over_uI_all 
_reflns_shell.meanI_over_uI_gt 
_reflns_shell.number_measured_gt 
_reflns_shell.number_unique_gt 
_reflns_shell.percent_possible_gt 
_reflns_shell.Rmerge_F_gt 
_reflns_shell.Rmerge_I_gt 
_reflns_shell.pdbx_redundancy 
_reflns_shell.pdbx_Rsym_value 
_reflns_shell.pdbx_chi_squared 
_reflns_shell.pdbx_netI_over_sigmaI_all 
_reflns_shell.pdbx_netI_over_sigmaI_obs 
_reflns_shell.pdbx_Rrim_I_all 
_reflns_shell.pdbx_Rpim_I_all 
_reflns_shell.pdbx_rejects 
_reflns_shell.pdbx_ordinal 
_reflns_shell.pdbx_diffrn_id 
_reflns_shell.pdbx_CC_half 
_reflns_shell.pdbx_CC_star 
_reflns_shell.pdbx_R_split 
_reflns_shell.pdbx_percent_possible_ellipsoidal 
_reflns_shell.pdbx_percent_possible_spherical 
_reflns_shell.pdbx_percent_possible_ellipsoidal_anomalous 
_reflns_shell.pdbx_percent_possible_spherical_anomalous 
_reflns_shell.pdbx_redundancy_anomalous 
_reflns_shell.pdbx_CC_half_anomalous 
_reflns_shell.pdbx_absDiff_over_sigma_anomalous 
_reflns_shell.pdbx_percent_possible_anomalous 
1.490 1.580  ? ? ? ? ? ? 771 93.90 ? ? ? ? ? ? ? ? ? ? ? ? ? 6.2  ? ? ? ? ? ? ? 1 1 0.453 ? ? ? ? ? ? ? ? ? ? 
1.58  1.69   ? ? ? ? ? ? 798 100.0 ? ? ? ? ? ? ? ? ? ? ? ? ? 10.3 ? ? ? ? ? ? ? 2 1 0.935 ? ? ? ? ? ? ? ? ? ? 
1.69  1.82   ? ? ? ? ? ? 744 99.9  ? ? ? ? ? ? ? ? ? ? ? ? ? 12.0 ? ? ? ? ? ? ? 3 1 0.999 ? ? ? ? ? ? ? ? ? ? 
1.82  2.00   ? ? ? ? ? ? 682 100.0 ? ? ? ? ? ? ? ? ? ? ? ? ? 12.1 ? ? ? ? ? ? ? 4 1 0.988 ? ? ? ? ? ? ? ? ? ? 
2.00  2.23   ? ? ? ? ? ? 627 100.0 ? ? ? ? ? ? ? ? ? ? ? ? ? 12.3 ? ? ? ? ? ? ? 5 1 0.994 ? ? ? ? ? ? ? ? ? ? 
2.23  2.58   ? ? ? ? ? ? 563 100.0 ? ? ? ? ? ? ? ? ? ? ? ? ? 12.1 ? ? ? ? ? ? ? 6 1 0.996 ? ? ? ? ? ? ? ? ? ? 
2.58  3.15   ? ? ? ? ? ? 484 99.8  ? ? ? ? ? ? ? ? ? ? ? ? ? 11.3 ? ? ? ? ? ? ? 7 1 0.998 ? ? ? ? ? ? ? ? ? ? 
3.15  4.43   ? ? ? ? ? ? 388 99.5  ? ? ? ? ? ? ? ? ? ? ? ? ? 10.7 ? ? ? ? ? ? ? 8 1 0.997 ? ? ? ? ? ? ? ? ? ? 
4.43  10.697 ? ? ? ? ? ? 246 99.6  ? ? ? ? ? ? ? ? ? ? ? ? ? 9.4  ? ? ? ? ? ? ? 9 1 0.998 ? ? ? ? ? ? ? ? ? ? 
# 
_refine.aniso_B[1][1]                            3.4000 
_refine.aniso_B[1][2]                            -0.0000 
_refine.aniso_B[1][3]                            -0.0000 
_refine.aniso_B[2][2]                            3.4000 
_refine.aniso_B[2][3]                            -0.0000 
_refine.aniso_B[3][3]                            -6.7900 
_refine.B_iso_max                                185.830 
_refine.B_iso_mean                               78.8650 
_refine.B_iso_min                                41.650 
_refine.correlation_coeff_Fo_to_Fc               0.9800 
_refine.correlation_coeff_Fo_to_Fc_free          0.9610 
_refine.details                                  
'HYDROGENS HAVE BEEN ADDED IN THE RIDING POSITIONS U VALUES      : REFINED INDIVIDUALLY' 
_refine.diff_density_max                         ? 
_refine.diff_density_max_esd                     ? 
_refine.diff_density_min                         ? 
_refine.diff_density_min_esd                     ? 
_refine.diff_density_rms                         ? 
_refine.diff_density_rms_esd                     ? 
_refine.entry_id                                 7ZUR 
_refine.pdbx_refine_id                           'X-RAY DIFFRACTION' 
_refine.ls_abs_structure_details                 ? 
_refine.ls_abs_structure_Flack                   ? 
_refine.ls_abs_structure_Flack_esd               ? 
_refine.ls_abs_structure_Rogers                  ? 
_refine.ls_abs_structure_Rogers_esd              ? 
_refine.ls_d_res_high                            1.6000 
_refine.ls_d_res_low                             29.7700 
_refine.ls_extinction_coef                       ? 
_refine.ls_extinction_coef_esd                   ? 
_refine.ls_extinction_expression                 ? 
_refine.ls_extinction_method                     ? 
_refine.ls_goodness_of_fit_all                   ? 
_refine.ls_goodness_of_fit_all_esd               ? 
_refine.ls_goodness_of_fit_obs                   ? 
_refine.ls_goodness_of_fit_obs_esd               ? 
_refine.ls_hydrogen_treatment                    ? 
_refine.ls_matrix_type                           ? 
_refine.ls_number_constraints                    ? 
_refine.ls_number_parameters                     ? 
_refine.ls_number_reflns_all                     ? 
_refine.ls_number_reflns_obs                     3925 
_refine.ls_number_reflns_R_free                  418 
_refine.ls_number_reflns_R_work                  ? 
_refine.ls_number_restraints                     ? 
_refine.ls_percent_reflns_obs                    99.2500 
_refine.ls_percent_reflns_R_free                 9.6000 
_refine.ls_R_factor_all                          ? 
_refine.ls_R_factor_obs                          0.2845 
_refine.ls_R_factor_R_free                       0.3099 
_refine.ls_R_factor_R_free_error                 ? 
_refine.ls_R_factor_R_free_error_details         ? 
_refine.ls_R_factor_R_work                       0.2816 
_refine.ls_R_Fsqd_factor_obs                     ? 
_refine.ls_R_I_factor_obs                        ? 
_refine.ls_redundancy_reflns_all                 ? 
_refine.ls_redundancy_reflns_obs                 ? 
_refine.ls_restrained_S_all                      ? 
_refine.ls_restrained_S_obs                      ? 
_refine.ls_shift_over_esd_max                    ? 
_refine.ls_shift_over_esd_mean                   ? 
_refine.ls_structure_factor_coef                 ? 
_refine.ls_weighting_details                     ? 
_refine.ls_weighting_scheme                      ? 
_refine.ls_wR_factor_all                         ? 
_refine.ls_wR_factor_obs                         ? 
_refine.ls_wR_factor_R_free                      ? 
_refine.ls_wR_factor_R_work                      ? 
_refine.occupancy_max                            ? 
_refine.occupancy_min                            ? 
_refine.solvent_model_details                    MASK 
_refine.solvent_model_param_bsol                 ? 
_refine.solvent_model_param_ksol                 ? 
_refine.pdbx_R_complete                          ? 
_refine.ls_R_factor_gt                           ? 
_refine.ls_goodness_of_fit_gt                    ? 
_refine.ls_goodness_of_fit_ref                   ? 
_refine.ls_shift_over_su_max                     ? 
_refine.ls_shift_over_su_max_lt                  ? 
_refine.ls_shift_over_su_mean                    ? 
_refine.ls_shift_over_su_mean_lt                 ? 
_refine.pdbx_ls_sigma_I                          ? 
_refine.pdbx_ls_sigma_F                          0.000 
_refine.pdbx_ls_sigma_Fsqd                       ? 
_refine.pdbx_data_cutoff_high_absF               ? 
_refine.pdbx_data_cutoff_high_rms_absF           ? 
_refine.pdbx_data_cutoff_low_absF                ? 
_refine.pdbx_isotropic_thermal_model             ? 
_refine.pdbx_ls_cross_valid_method               THROUGHOUT 
_refine.pdbx_method_to_determine_struct          'MOLECULAR REPLACEMENT' 
_refine.pdbx_starting_model                      5CDB 
_refine.pdbx_stereochemistry_target_values       'MAXIMUM LIKELIHOOD' 
_refine.pdbx_R_Free_selection_details            RANDOM 
_refine.pdbx_stereochem_target_val_spec_case     ? 
_refine.pdbx_overall_ESU_R                       0.1550 
_refine.pdbx_overall_ESU_R_Free                  0.1420 
_refine.pdbx_solvent_vdw_probe_radii             1.2000 
_refine.pdbx_solvent_ion_probe_radii             0.8000 
_refine.pdbx_solvent_shrinkage_radii             0.8000 
_refine.pdbx_real_space_R                        ? 
_refine.pdbx_density_correlation                 ? 
_refine.pdbx_pd_number_of_powder_patterns        ? 
_refine.pdbx_pd_number_of_points                 ? 
_refine.pdbx_pd_meas_number_of_points            ? 
_refine.pdbx_pd_proc_ls_prof_R_factor            ? 
_refine.pdbx_pd_proc_ls_prof_wR_factor           ? 
_refine.pdbx_pd_Marquardt_correlation_coeff      ? 
_refine.pdbx_pd_Fsqrd_R_factor                   ? 
_refine.pdbx_pd_ls_matrix_band_width             ? 
_refine.pdbx_overall_phase_error                 ? 
_refine.pdbx_overall_SU_R_free_Cruickshank_DPI   ? 
_refine.pdbx_overall_SU_R_free_Blow_DPI          ? 
_refine.pdbx_overall_SU_R_Blow_DPI               ? 
_refine.pdbx_TLS_residual_ADP_flag               ? 
_refine.pdbx_diffrn_id                           1 
_refine.overall_SU_B                             10.7150 
_refine.overall_SU_ML                            0.2960 
_refine.overall_SU_R_Cruickshank_DPI             ? 
_refine.overall_SU_R_free                        ? 
_refine.overall_FOM_free_R_set                   ? 
_refine.overall_FOM_work_R_set                   ? 
_refine.pdbx_average_fsc_overall                 ? 
_refine.pdbx_average_fsc_work                    ? 
_refine.pdbx_average_fsc_free                    ? 
# 
_refine_hist.pdbx_refine_id                   'X-RAY DIFFRACTION' 
_refine_hist.cycle_id                         final 
_refine_hist.details                          ? 
_refine_hist.d_res_high                       1.6000 
_refine_hist.d_res_low                        29.7700 
_refine_hist.number_atoms_solvent             2 
_refine_hist.number_atoms_total               318 
_refine_hist.number_reflns_all                ? 
_refine_hist.number_reflns_obs                ? 
_refine_hist.number_reflns_R_free             ? 
_refine_hist.number_reflns_R_work             ? 
_refine_hist.R_factor_all                     ? 
_refine_hist.R_factor_obs                     ? 
_refine_hist.R_factor_R_free                  ? 
_refine_hist.R_factor_R_work                  ? 
_refine_hist.pdbx_number_residues_total       12 
_refine_hist.pdbx_B_iso_mean_ligand           56.05 
_refine_hist.pdbx_B_iso_mean_solvent          70.24 
_refine_hist.pdbx_number_atoms_protein        0 
_refine_hist.pdbx_number_atoms_nucleic_acid   250 
_refine_hist.pdbx_number_atoms_ligand         66 
_refine_hist.pdbx_number_atoms_lipid          ? 
_refine_hist.pdbx_number_atoms_carb           ? 
_refine_hist.pdbx_pseudo_atom_details         ? 
# 
loop_
_refine_ls_restr.pdbx_refine_id 
_refine_ls_restr.criterion 
_refine_ls_restr.dev_ideal 
_refine_ls_restr.dev_ideal_target 
_refine_ls_restr.number 
_refine_ls_restr.rejects 
_refine_ls_restr.type 
_refine_ls_restr.weight 
_refine_ls_restr.pdbx_restraint_function 
'X-RAY DIFFRACTION' ? 0.008 0.011 336 ? r_bond_refined_d     ? ? 
'X-RAY DIFFRACTION' ? 0.003 0.018 170 ? r_bond_other_d       ? ? 
'X-RAY DIFFRACTION' ? 1.241 1.177 517 ? r_angle_refined_deg  ? ? 
'X-RAY DIFFRACTION' ? 1.819 3.000 400 ? r_angle_other_deg    ? ? 
'X-RAY DIFFRACTION' ? 0.087 0.200 38  ? r_chiral_restr       ? ? 
'X-RAY DIFFRACTION' ? 0.014 0.020 332 ? r_gen_planes_refined ? ? 
'X-RAY DIFFRACTION' ? 0.003 0.020 69  ? r_gen_planes_other   ? ? 
# 
_refine_ls_shell.pdbx_refine_id                   'X-RAY DIFFRACTION' 
_refine_ls_shell.d_res_high                       1.6000 
_refine_ls_shell.d_res_low                        1.6410 
_refine_ls_shell.number_reflns_all                ? 
_refine_ls_shell.number_reflns_obs                ? 
_refine_ls_shell.number_reflns_R_free             32 
_refine_ls_shell.number_reflns_R_work             278 
_refine_ls_shell.percent_reflns_obs               99.0400 
_refine_ls_shell.percent_reflns_R_free            ? 
_refine_ls_shell.R_factor_all                     ? 
_refine_ls_shell.R_factor_obs                     ? 
_refine_ls_shell.R_factor_R_free                  1.0 
_refine_ls_shell.R_factor_R_free_error            0.0000 
_refine_ls_shell.R_factor_R_work                  0.9660 
_refine_ls_shell.redundancy_reflns_all            ? 
_refine_ls_shell.redundancy_reflns_obs            ? 
_refine_ls_shell.wR_factor_all                    ? 
_refine_ls_shell.wR_factor_obs                    ? 
_refine_ls_shell.wR_factor_R_free                 ? 
_refine_ls_shell.wR_factor_R_work                 ? 
_refine_ls_shell.pdbx_R_complete                  ? 
_refine_ls_shell.pdbx_total_number_of_bins_used   ? 
_refine_ls_shell.pdbx_phase_error                 ? 
_refine_ls_shell.pdbx_fsc_work                    ? 
_refine_ls_shell.pdbx_fsc_free                    ? 
# 
_struct.entry_id                     7ZUR 
_struct.title                        
'Four carbons pendant pyridine derivative of the natural alkaloid Berberine as Human Telomeric G-quadruplex Binder' 
_struct.pdbx_model_details           ? 
_struct.pdbx_formula_weight          ? 
_struct.pdbx_formula_weight_method   ? 
_struct.pdbx_model_type_details      ? 
_struct.pdbx_CASP_flag               N 
# 
_struct_keywords.entry_id        7ZUR 
_struct_keywords.text            'DRUG-DNA COMPLEX, telomeric G-quadruplex, DNA' 
_struct_keywords.pdbx_keywords   DNA 
# 
loop_
_struct_asym.id 
_struct_asym.pdbx_blank_PDB_chainid_flag 
_struct_asym.pdbx_modified 
_struct_asym.entity_id 
_struct_asym.details 
A N N 1 ? 
B N N 2 ? 
C N N 2 ? 
D N N 3 ? 
E N N 4 ? 
# 
_struct_ref.id                         1 
_struct_ref.db_name                    PDB 
_struct_ref.db_code                    7ZUR 
_struct_ref.pdbx_db_accession          7ZUR 
_struct_ref.pdbx_db_isoform            ? 
_struct_ref.entity_id                  1 
_struct_ref.pdbx_seq_one_letter_code   ? 
_struct_ref.pdbx_align_begin           1 
# 
_struct_ref_seq.align_id                      1 
_struct_ref_seq.ref_id                        1 
_struct_ref_seq.pdbx_PDB_id_code              7ZUR 
_struct_ref_seq.pdbx_strand_id                A 
_struct_ref_seq.seq_align_beg                 1 
_struct_ref_seq.pdbx_seq_align_beg_ins_code   ? 
_struct_ref_seq.seq_align_end                 12 
_struct_ref_seq.pdbx_seq_align_end_ins_code   ? 
_struct_ref_seq.pdbx_db_accession             7ZUR 
_struct_ref_seq.db_align_beg                  1 
_struct_ref_seq.pdbx_db_align_beg_ins_code    ? 
_struct_ref_seq.db_align_end                  12 
_struct_ref_seq.pdbx_db_align_end_ins_code    ? 
_struct_ref_seq.pdbx_auth_seq_align_beg       1 
_struct_ref_seq.pdbx_auth_seq_align_end       12 
# 
_pdbx_struct_assembly.id                   1 
_pdbx_struct_assembly.details              author_defined_assembly 
_pdbx_struct_assembly.method_details       ? 
_pdbx_struct_assembly.oligomeric_details   dimeric 
_pdbx_struct_assembly.oligomeric_count     2 
# 
loop_
_pdbx_struct_assembly_gen.assembly_id 
_pdbx_struct_assembly_gen.oper_expression 
_pdbx_struct_assembly_gen.asym_id_list 
1 1 A,B,C,D,E 
1 2 A,B,C,D,E 
# 
_pdbx_struct_assembly_auth_evidence.id                     1 
_pdbx_struct_assembly_auth_evidence.assembly_id            1 
_pdbx_struct_assembly_auth_evidence.experimental_support   none 
_pdbx_struct_assembly_auth_evidence.details                ? 
# 
loop_
_pdbx_struct_oper_list.id 
_pdbx_struct_oper_list.type 
_pdbx_struct_oper_list.name 
_pdbx_struct_oper_list.symmetry_operation 
_pdbx_struct_oper_list.matrix[1][1] 
_pdbx_struct_oper_list.matrix[1][2] 
_pdbx_struct_oper_list.matrix[1][3] 
_pdbx_struct_oper_list.vector[1] 
_pdbx_struct_oper_list.matrix[2][1] 
_pdbx_struct_oper_list.matrix[2][2] 
_pdbx_struct_oper_list.matrix[2][3] 
_pdbx_struct_oper_list.vector[2] 
_pdbx_struct_oper_list.matrix[3][1] 
_pdbx_struct_oper_list.matrix[3][2] 
_pdbx_struct_oper_list.matrix[3][3] 
_pdbx_struct_oper_list.vector[3] 
1 'identity operation'         1_555 x,y,z     1.0000000000  0.0000000000 0.0000000000  0.0000000000 0.0000000000 1.0000000000 0.0000000000  0.0000000000  0.0000000000  0.0000000000  1.0000000000  0.0000000000  
2 'crystal symmetry operation' 2_545 -x,-y-1,z -0.7174579344 0.6935183317 -0.0654708788 8.7379206409 0.6935183317 0.7022869688 -0.1607026358 -4.2386849048 -0.0654708788 -0.1607026358 -0.9848290343 -7.1906097073 
# 
loop_
_struct_conn.id 
_struct_conn.conn_type_id 
_struct_conn.pdbx_leaving_atom_flag 
_struct_conn.pdbx_PDB_id 
_struct_conn.ptnr1_label_asym_id 
_struct_conn.ptnr1_label_comp_id 
_struct_conn.ptnr1_label_seq_id 
_struct_conn.ptnr1_label_atom_id 
_struct_conn.pdbx_ptnr1_label_alt_id 
_struct_conn.pdbx_ptnr1_PDB_ins_code 
_struct_conn.pdbx_ptnr1_standard_comp_id 
_struct_conn.ptnr1_symmetry 
_struct_conn.ptnr2_label_asym_id 
_struct_conn.ptnr2_label_comp_id 
_struct_conn.ptnr2_label_seq_id 
_struct_conn.ptnr2_label_atom_id 
_struct_conn.pdbx_ptnr2_label_alt_id 
_struct_conn.pdbx_ptnr2_PDB_ins_code 
_struct_conn.ptnr1_auth_asym_id 
_struct_conn.ptnr1_auth_comp_id 
_struct_conn.ptnr1_auth_seq_id 
_struct_conn.ptnr2_auth_asym_id 
_struct_conn.ptnr2_auth_comp_id 
_struct_conn.ptnr2_auth_seq_id 
_struct_conn.ptnr2_symmetry 
_struct_conn.pdbx_ptnr3_label_atom_id 
_struct_conn.pdbx_ptnr3_label_seq_id 
_struct_conn.pdbx_ptnr3_label_comp_id 
_struct_conn.pdbx_ptnr3_label_asym_id 
_struct_conn.pdbx_ptnr3_label_alt_id 
_struct_conn.pdbx_ptnr3_PDB_ins_code 
_struct_conn.details 
_struct_conn.pdbx_dist_value 
_struct_conn.pdbx_value_order 
_struct_conn.pdbx_role 
metalc1  metalc ? ? A DG 3  O6 ? ? ? 1_555 B K  .  K  ? ? A DG 3  A K  101 1_555 ? ? ? ? ? ? ?                       3.027 ? ? 
metalc2  metalc ? ? A DG 3  O6 ? ? ? 1_555 B K  .  K  ? ? A DG 3  A K  101 2_545 ? ? ? ? ? ? ?                       2.747 ? ? 
metalc3  metalc ? ? A DG 4  O6 ? ? ? 1_555 B K  .  K  ? ? A DG 4  A K  101 1_555 ? ? ? ? ? ? ?                       3.127 ? ? 
metalc4  metalc ? ? A DG 4  O6 ? ? ? 1_555 B K  .  K  ? ? A DG 4  A K  101 2_545 ? ? ? ? ? ? ?                       2.492 ? ? 
metalc5  metalc ? ? A DG 4  O6 ? ? ? 1_555 C K  .  K  ? ? A DG 4  A K  102 1_555 ? ? ? ? ? ? ?                       3.308 ? ? 
metalc6  metalc ? ? A DG 4  O6 ? ? ? 1_555 C K  .  K  ? ? A DG 4  A K  102 2_545 ? ? ? ? ? ? ?                       2.485 ? ? 
metalc7  metalc ? ? A DG 5  O6 ? ? ? 1_555 C K  .  K  ? ? A DG 5  A K  102 1_555 ? ? ? ? ? ? ?                       3.016 ? ? 
metalc8  metalc ? ? A DG 5  O6 ? ? ? 1_555 C K  .  K  ? ? A DG 5  A K  102 2_545 ? ? ? ? ? ? ?                       2.435 ? ? 
metalc9  metalc ? ? A DG 9  O6 ? ? ? 1_555 B K  .  K  ? ? A DG 9  A K  101 1_555 ? ? ? ? ? ? ?                       2.995 ? ? 
metalc10 metalc ? ? A DG 9  O6 ? ? ? 1_555 B K  .  K  ? ? A DG 9  A K  101 2_545 ? ? ? ? ? ? ?                       2.293 ? ? 
metalc11 metalc ? ? A DG 10 O6 ? ? ? 1_555 B K  .  K  ? ? A DG 10 A K  101 1_555 ? ? ? ? ? ? ?                       3.083 ? ? 
metalc12 metalc ? ? A DG 10 O6 ? ? ? 1_555 B K  .  K  ? ? A DG 10 A K  101 2_545 ? ? ? ? ? ? ?                       2.678 ? ? 
metalc13 metalc ? ? A DG 10 O6 ? ? ? 1_555 C K  .  K  ? ? A DG 10 A K  102 1_555 ? ? ? ? ? ? ?                       2.704 ? ? 
metalc14 metalc ? ? A DG 10 O6 ? ? ? 1_555 C K  .  K  ? ? A DG 10 A K  102 2_545 ? ? ? ? ? ? ?                       3.177 ? ? 
metalc15 metalc ? ? A DG 11 O6 ? ? ? 1_555 C K  .  K  ? ? A DG 11 A K  102 1_555 ? ? ? ? ? ? ?                       2.311 ? ? 
metalc16 metalc ? ? A DG 11 O6 ? ? ? 1_555 C K  .  K  ? ? A DG 11 A K  102 2_545 ? ? ? ? ? ? ?                       3.103 ? ? 
hydrog1  hydrog ? ? A DT 1  N3 ? ? ? 1_555 A DA 2  N1 ? ? A DT 1  A DA 2   2_545 ? ? ? ? ? ? 'REVERSED WATSON-CRICK' ?     ? ? 
hydrog2  hydrog ? ? A DT 1  O2 ? ? ? 1_555 A DA 2  N6 ? ? A DT 1  A DA 2   2_545 ? ? ? ? ? ? 'REVERSED WATSON-CRICK' ?     ? ? 
hydrog3  hydrog ? ? A DA 2  N1 ? ? ? 1_555 A DT 1  N3 ? ? A DA 2  A DT 1   2_545 ? ? ? ? ? ? 'REVERSED WATSON-CRICK' ?     ? ? 
hydrog4  hydrog ? ? A DA 2  N6 ? ? ? 1_555 A DT 1  O2 ? ? A DA 2  A DT 1   2_545 ? ? ? ? ? ? 'REVERSED WATSON-CRICK' ?     ? ? 
hydrog5  hydrog ? ? A DG 3  N1 ? ? ? 1_555 A DG 9  O6 ? ? A DG 3  A DG 9   1_555 ? ? ? ? ? ? TYPE_6_PAIR             ?     ? ? 
hydrog6  hydrog ? ? A DG 3  N2 ? ? ? 1_555 A DG 9  N7 ? ? A DG 3  A DG 9   1_555 ? ? ? ? ? ? TYPE_6_PAIR             ?     ? ? 
hydrog7  hydrog ? ? A DG 3  N7 ? ? ? 1_555 A DG 9  N2 ? ? A DG 3  A DG 9   2_545 ? ? ? ? ? ? TYPE_6_PAIR             ?     ? ? 
hydrog8  hydrog ? ? A DG 3  O6 ? ? ? 1_555 A DG 9  N1 ? ? A DG 3  A DG 9   2_545 ? ? ? ? ? ? TYPE_6_PAIR             ?     ? ? 
hydrog9  hydrog ? ? A DG 4  N1 ? ? ? 1_555 A DG 10 O6 ? ? A DG 4  A DG 10  1_555 ? ? ? ? ? ? TYPE_6_PAIR             ?     ? ? 
hydrog10 hydrog ? ? A DG 4  N2 ? ? ? 1_555 A DG 10 N7 ? ? A DG 4  A DG 10  1_555 ? ? ? ? ? ? TYPE_6_PAIR             ?     ? ? 
hydrog11 hydrog ? ? A DG 4  N7 ? ? ? 1_555 A DG 10 N2 ? ? A DG 4  A DG 10  2_545 ? ? ? ? ? ? TYPE_6_PAIR             ?     ? ? 
hydrog12 hydrog ? ? A DG 4  O6 ? ? ? 1_555 A DG 10 N1 ? ? A DG 4  A DG 10  2_545 ? ? ? ? ? ? TYPE_6_PAIR             ?     ? ? 
hydrog13 hydrog ? ? A DG 5  N1 ? ? ? 1_555 A DG 11 O6 ? ? A DG 5  A DG 11  1_555 ? ? ? ? ? ? TYPE_6_PAIR             ?     ? ? 
hydrog14 hydrog ? ? A DG 5  N2 ? ? ? 1_555 A DG 11 N7 ? ? A DG 5  A DG 11  1_555 ? ? ? ? ? ? TYPE_6_PAIR             ?     ? ? 
hydrog15 hydrog ? ? A DG 5  N7 ? ? ? 1_555 A DG 11 N2 ? ? A DG 5  A DG 11  2_545 ? ? ? ? ? ? TYPE_6_PAIR             ?     ? ? 
hydrog16 hydrog ? ? A DG 5  O6 ? ? ? 1_555 A DG 11 N1 ? ? A DG 5  A DG 11  2_545 ? ? ? ? ? ? TYPE_6_PAIR             ?     ? ? 
hydrog17 hydrog ? ? A DG 9  N1 ? ? ? 1_555 A DG 3  O6 ? ? A DG 9  A DG 3   2_545 ? ? ? ? ? ? TYPE_6_PAIR             ?     ? ? 
hydrog18 hydrog ? ? A DG 9  N2 ? ? ? 1_555 A DG 3  N7 ? ? A DG 9  A DG 3   2_545 ? ? ? ? ? ? TYPE_6_PAIR             ?     ? ? 
hydrog19 hydrog ? ? A DG 10 N1 ? ? ? 1_555 A DG 4  O6 ? ? A DG 10 A DG 4   2_545 ? ? ? ? ? ? TYPE_6_PAIR             ?     ? ? 
hydrog20 hydrog ? ? A DG 10 N2 ? ? ? 1_555 A DG 4  N7 ? ? A DG 10 A DG 4   2_545 ? ? ? ? ? ? TYPE_6_PAIR             ?     ? ? 
hydrog21 hydrog ? ? A DG 11 N1 ? ? ? 1_555 A DG 5  O6 ? ? A DG 11 A DG 5   2_545 ? ? ? ? ? ? TYPE_6_PAIR             ?     ? ? 
hydrog22 hydrog ? ? A DG 11 N2 ? ? ? 1_555 A DG 5  N7 ? ? A DG 11 A DG 5   2_545 ? ? ? ? ? ? TYPE_6_PAIR             ?     ? ? 
# 
loop_
_struct_conn_type.id 
_struct_conn_type.criteria 
_struct_conn_type.reference 
metalc ? ? 
hydrog ? ? 
# 
loop_
_pdbx_struct_conn_angle.id 
_pdbx_struct_conn_angle.ptnr1_label_atom_id 
_pdbx_struct_conn_angle.ptnr1_label_alt_id 
_pdbx_struct_conn_angle.ptnr1_label_asym_id 
_pdbx_struct_conn_angle.ptnr1_label_comp_id 
_pdbx_struct_conn_angle.ptnr1_label_seq_id 
_pdbx_struct_conn_angle.ptnr1_auth_atom_id 
_pdbx_struct_conn_angle.ptnr1_auth_asym_id 
_pdbx_struct_conn_angle.ptnr1_auth_comp_id 
_pdbx_struct_conn_angle.ptnr1_auth_seq_id 
_pdbx_struct_conn_angle.ptnr1_PDB_ins_code 
_pdbx_struct_conn_angle.ptnr1_symmetry 
_pdbx_struct_conn_angle.ptnr2_label_atom_id 
_pdbx_struct_conn_angle.ptnr2_label_alt_id 
_pdbx_struct_conn_angle.ptnr2_label_asym_id 
_pdbx_struct_conn_angle.ptnr2_label_comp_id 
_pdbx_struct_conn_angle.ptnr2_label_seq_id 
_pdbx_struct_conn_angle.ptnr2_auth_atom_id 
_pdbx_struct_conn_angle.ptnr2_auth_asym_id 
_pdbx_struct_conn_angle.ptnr2_auth_comp_id 
_pdbx_struct_conn_angle.ptnr2_auth_seq_id 
_pdbx_struct_conn_angle.ptnr2_PDB_ins_code 
_pdbx_struct_conn_angle.ptnr2_symmetry 
_pdbx_struct_conn_angle.ptnr3_label_atom_id 
_pdbx_struct_conn_angle.ptnr3_label_alt_id 
_pdbx_struct_conn_angle.ptnr3_label_asym_id 
_pdbx_struct_conn_angle.ptnr3_label_comp_id 
_pdbx_struct_conn_angle.ptnr3_label_seq_id 
_pdbx_struct_conn_angle.ptnr3_auth_atom_id 
_pdbx_struct_conn_angle.ptnr3_auth_asym_id 
_pdbx_struct_conn_angle.ptnr3_auth_comp_id 
_pdbx_struct_conn_angle.ptnr3_auth_seq_id 
_pdbx_struct_conn_angle.ptnr3_PDB_ins_code 
_pdbx_struct_conn_angle.ptnr3_symmetry 
_pdbx_struct_conn_angle.value 
_pdbx_struct_conn_angle.value_esd 
1  O6 ? A DG 3  ? A DG 3  ? 1_555 K ? B K . ? A K 101 ? 1_555 O6 ? A DG 3  ? A DG 3  ? 1_555 0.0   ? 
2  O6 ? A DG 3  ? A DG 3  ? 1_555 K ? B K . ? A K 101 ? 1_555 O6 ? A DG 4  ? A DG 4  ? 1_555 67.5  ? 
3  O6 ? A DG 3  ? A DG 3  ? 1_555 K ? B K . ? A K 101 ? 1_555 O6 ? A DG 4  ? A DG 4  ? 1_555 67.5  ? 
4  O6 ? A DG 3  ? A DG 3  ? 1_555 K ? B K . ? A K 101 ? 1_555 O6 ? A DG 4  ? A DG 4  ? 1_555 67.5  ? 
5  O6 ? A DG 3  ? A DG 3  ? 1_555 K ? B K . ? A K 101 ? 1_555 O6 ? A DG 4  ? A DG 4  ? 1_555 67.5  ? 
6  O6 ? A DG 4  ? A DG 4  ? 1_555 K ? B K . ? A K 101 ? 1_555 O6 ? A DG 4  ? A DG 4  ? 1_555 0.0   ? 
7  O6 ? A DG 3  ? A DG 3  ? 1_555 K ? B K . ? A K 101 ? 1_555 O6 ? A DG 9  ? A DG 9  ? 1_555 73.0  ? 
8  O6 ? A DG 3  ? A DG 3  ? 1_555 K ? B K . ? A K 101 ? 1_555 O6 ? A DG 9  ? A DG 9  ? 1_555 73.0  ? 
9  O6 ? A DG 4  ? A DG 4  ? 1_555 K ? B K . ? A K 101 ? 1_555 O6 ? A DG 9  ? A DG 9  ? 1_555 79.8  ? 
10 O6 ? A DG 4  ? A DG 4  ? 1_555 K ? B K . ? A K 101 ? 1_555 O6 ? A DG 9  ? A DG 9  ? 1_555 79.8  ? 
11 O6 ? A DG 3  ? A DG 3  ? 1_555 K ? B K . ? A K 101 ? 1_555 O6 ? A DG 9  ? A DG 9  ? 1_555 73.0  ? 
12 O6 ? A DG 3  ? A DG 3  ? 1_555 K ? B K . ? A K 101 ? 1_555 O6 ? A DG 9  ? A DG 9  ? 1_555 73.0  ? 
13 O6 ? A DG 4  ? A DG 4  ? 1_555 K ? B K . ? A K 101 ? 1_555 O6 ? A DG 9  ? A DG 9  ? 1_555 79.8  ? 
14 O6 ? A DG 4  ? A DG 4  ? 1_555 K ? B K . ? A K 101 ? 1_555 O6 ? A DG 9  ? A DG 9  ? 1_555 79.8  ? 
15 O6 ? A DG 9  ? A DG 9  ? 1_555 K ? B K . ? A K 101 ? 1_555 O6 ? A DG 9  ? A DG 9  ? 1_555 0.0   ? 
16 O6 ? A DG 3  ? A DG 3  ? 1_555 K ? B K . ? A K 101 ? 1_555 O6 ? A DG 10 ? A DG 10 ? 1_555 120.6 ? 
17 O6 ? A DG 3  ? A DG 3  ? 1_555 K ? B K . ? A K 101 ? 1_555 O6 ? A DG 10 ? A DG 10 ? 1_555 120.6 ? 
18 O6 ? A DG 4  ? A DG 4  ? 1_555 K ? B K . ? A K 101 ? 1_555 O6 ? A DG 10 ? A DG 10 ? 1_555 64.1  ? 
19 O6 ? A DG 4  ? A DG 4  ? 1_555 K ? B K . ? A K 101 ? 1_555 O6 ? A DG 10 ? A DG 10 ? 1_555 64.1  ? 
20 O6 ? A DG 9  ? A DG 9  ? 1_555 K ? B K . ? A K 101 ? 1_555 O6 ? A DG 10 ? A DG 10 ? 1_555 66.4  ? 
21 O6 ? A DG 9  ? A DG 9  ? 1_555 K ? B K . ? A K 101 ? 1_555 O6 ? A DG 10 ? A DG 10 ? 1_555 66.4  ? 
22 O6 ? A DG 3  ? A DG 3  ? 1_555 K ? B K . ? A K 101 ? 1_555 O6 ? A DG 10 ? A DG 10 ? 1_555 120.6 ? 
23 O6 ? A DG 3  ? A DG 3  ? 1_555 K ? B K . ? A K 101 ? 1_555 O6 ? A DG 10 ? A DG 10 ? 1_555 120.6 ? 
24 O6 ? A DG 4  ? A DG 4  ? 1_555 K ? B K . ? A K 101 ? 1_555 O6 ? A DG 10 ? A DG 10 ? 1_555 64.1  ? 
25 O6 ? A DG 4  ? A DG 4  ? 1_555 K ? B K . ? A K 101 ? 1_555 O6 ? A DG 10 ? A DG 10 ? 1_555 64.1  ? 
26 O6 ? A DG 9  ? A DG 9  ? 1_555 K ? B K . ? A K 101 ? 1_555 O6 ? A DG 10 ? A DG 10 ? 1_555 66.4  ? 
27 O6 ? A DG 9  ? A DG 9  ? 1_555 K ? B K . ? A K 101 ? 1_555 O6 ? A DG 10 ? A DG 10 ? 1_555 66.4  ? 
28 O6 ? A DG 10 ? A DG 10 ? 1_555 K ? B K . ? A K 101 ? 1_555 O6 ? A DG 10 ? A DG 10 ? 1_555 0.0   ? 
29 O6 ? A DG 4  ? A DG 4  ? 1_555 K ? C K . ? A K 102 ? 1_555 O6 ? A DG 4  ? A DG 4  ? 1_555 0.0   ? 
30 O6 ? A DG 4  ? A DG 4  ? 1_555 K ? C K . ? A K 102 ? 1_555 O6 ? A DG 5  ? A DG 5  ? 1_555 63.6  ? 
31 O6 ? A DG 4  ? A DG 4  ? 1_555 K ? C K . ? A K 102 ? 1_555 O6 ? A DG 5  ? A DG 5  ? 1_555 63.6  ? 
32 O6 ? A DG 4  ? A DG 4  ? 1_555 K ? C K . ? A K 102 ? 1_555 O6 ? A DG 5  ? A DG 5  ? 1_555 63.6  ? 
33 O6 ? A DG 4  ? A DG 4  ? 1_555 K ? C K . ? A K 102 ? 1_555 O6 ? A DG 5  ? A DG 5  ? 1_555 63.6  ? 
34 O6 ? A DG 5  ? A DG 5  ? 1_555 K ? C K . ? A K 102 ? 1_555 O6 ? A DG 5  ? A DG 5  ? 1_555 0.0   ? 
35 O6 ? A DG 4  ? A DG 4  ? 1_555 K ? C K . ? A K 102 ? 1_555 O6 ? A DG 10 ? A DG 10 ? 1_555 65.6  ? 
36 O6 ? A DG 4  ? A DG 4  ? 1_555 K ? C K . ? A K 102 ? 1_555 O6 ? A DG 10 ? A DG 10 ? 1_555 65.6  ? 
37 O6 ? A DG 5  ? A DG 5  ? 1_555 K ? C K . ? A K 102 ? 1_555 O6 ? A DG 10 ? A DG 10 ? 1_555 88.3  ? 
38 O6 ? A DG 5  ? A DG 5  ? 1_555 K ? C K . ? A K 102 ? 1_555 O6 ? A DG 10 ? A DG 10 ? 1_555 88.3  ? 
39 O6 ? A DG 4  ? A DG 4  ? 1_555 K ? C K . ? A K 102 ? 1_555 O6 ? A DG 10 ? A DG 10 ? 1_555 65.6  ? 
40 O6 ? A DG 4  ? A DG 4  ? 1_555 K ? C K . ? A K 102 ? 1_555 O6 ? A DG 10 ? A DG 10 ? 1_555 65.6  ? 
41 O6 ? A DG 5  ? A DG 5  ? 1_555 K ? C K . ? A K 102 ? 1_555 O6 ? A DG 10 ? A DG 10 ? 1_555 88.3  ? 
42 O6 ? A DG 5  ? A DG 5  ? 1_555 K ? C K . ? A K 102 ? 1_555 O6 ? A DG 10 ? A DG 10 ? 1_555 88.3  ? 
43 O6 ? A DG 10 ? A DG 10 ? 1_555 K ? C K . ? A K 102 ? 1_555 O6 ? A DG 10 ? A DG 10 ? 1_555 0.0   ? 
44 O6 ? A DG 4  ? A DG 4  ? 1_555 K ? C K . ? A K 102 ? 1_555 O6 ? A DG 11 ? A DG 11 ? 1_555 123.5 ? 
45 O6 ? A DG 4  ? A DG 4  ? 1_555 K ? C K . ? A K 102 ? 1_555 O6 ? A DG 11 ? A DG 11 ? 1_555 123.5 ? 
46 O6 ? A DG 5  ? A DG 5  ? 1_555 K ? C K . ? A K 102 ? 1_555 O6 ? A DG 11 ? A DG 11 ? 1_555 71.3  ? 
47 O6 ? A DG 5  ? A DG 5  ? 1_555 K ? C K . ? A K 102 ? 1_555 O6 ? A DG 11 ? A DG 11 ? 1_555 71.3  ? 
48 O6 ? A DG 10 ? A DG 10 ? 1_555 K ? C K . ? A K 102 ? 1_555 O6 ? A DG 11 ? A DG 11 ? 1_555 81.5  ? 
49 O6 ? A DG 10 ? A DG 10 ? 1_555 K ? C K . ? A K 102 ? 1_555 O6 ? A DG 11 ? A DG 11 ? 1_555 81.5  ? 
50 O6 ? A DG 4  ? A DG 4  ? 1_555 K ? C K . ? A K 102 ? 1_555 O6 ? A DG 11 ? A DG 11 ? 1_555 123.5 ? 
51 O6 ? A DG 4  ? A DG 4  ? 1_555 K ? C K . ? A K 102 ? 1_555 O6 ? A DG 11 ? A DG 11 ? 1_555 123.5 ? 
52 O6 ? A DG 5  ? A DG 5  ? 1_555 K ? C K . ? A K 102 ? 1_555 O6 ? A DG 11 ? A DG 11 ? 1_555 71.3  ? 
53 O6 ? A DG 5  ? A DG 5  ? 1_555 K ? C K . ? A K 102 ? 1_555 O6 ? A DG 11 ? A DG 11 ? 1_555 71.3  ? 
54 O6 ? A DG 10 ? A DG 10 ? 1_555 K ? C K . ? A K 102 ? 1_555 O6 ? A DG 11 ? A DG 11 ? 1_555 81.5  ? 
55 O6 ? A DG 10 ? A DG 10 ? 1_555 K ? C K . ? A K 102 ? 1_555 O6 ? A DG 11 ? A DG 11 ? 1_555 81.5  ? 
56 O6 ? A DG 11 ? A DG 11 ? 1_555 K ? C K . ? A K 102 ? 1_555 O6 ? A DG 11 ? A DG 11 ? 1_555 0.0   ? 
# 
loop_
_pdbx_validate_symm_contact.id 
_pdbx_validate_symm_contact.PDB_model_num 
_pdbx_validate_symm_contact.auth_atom_id_1 
_pdbx_validate_symm_contact.auth_asym_id_1 
_pdbx_validate_symm_contact.auth_comp_id_1 
_pdbx_validate_symm_contact.auth_seq_id_1 
_pdbx_validate_symm_contact.PDB_ins_code_1 
_pdbx_validate_symm_contact.label_alt_id_1 
_pdbx_validate_symm_contact.site_symmetry_1 
_pdbx_validate_symm_contact.auth_atom_id_2 
_pdbx_validate_symm_contact.auth_asym_id_2 
_pdbx_validate_symm_contact.auth_comp_id_2 
_pdbx_validate_symm_contact.auth_seq_id_2 
_pdbx_validate_symm_contact.PDB_ins_code_2 
_pdbx_validate_symm_contact.label_alt_id_2 
_pdbx_validate_symm_contact.site_symmetry_2 
_pdbx_validate_symm_contact.dist 
1 1 O6 A DG 3 ? ? 1_555 H1 A DG 9  ? ? 2_545 1.51 
2 1 O2 A DT 6 ? ? 1_555 O2 A DT 12 ? ? 5_554 1.63 
# 
_pdbx_validate_rmsd_angle.id                         1 
_pdbx_validate_rmsd_angle.PDB_model_num              1 
_pdbx_validate_rmsd_angle.auth_atom_id_1             "C3'" 
_pdbx_validate_rmsd_angle.auth_asym_id_1             A 
_pdbx_validate_rmsd_angle.auth_comp_id_1             DA 
_pdbx_validate_rmsd_angle.auth_seq_id_1              8 
_pdbx_validate_rmsd_angle.PDB_ins_code_1             ? 
_pdbx_validate_rmsd_angle.label_alt_id_1             A 
_pdbx_validate_rmsd_angle.auth_atom_id_2             "C2'" 
_pdbx_validate_rmsd_angle.auth_asym_id_2             A 
_pdbx_validate_rmsd_angle.auth_comp_id_2             DA 
_pdbx_validate_rmsd_angle.auth_seq_id_2              8 
_pdbx_validate_rmsd_angle.PDB_ins_code_2             ? 
_pdbx_validate_rmsd_angle.label_alt_id_2             A 
_pdbx_validate_rmsd_angle.auth_atom_id_3             "C1'" 
_pdbx_validate_rmsd_angle.auth_asym_id_3             A 
_pdbx_validate_rmsd_angle.auth_comp_id_3             DA 
_pdbx_validate_rmsd_angle.auth_seq_id_3              8 
_pdbx_validate_rmsd_angle.PDB_ins_code_3             ? 
_pdbx_validate_rmsd_angle.label_alt_id_3             A 
_pdbx_validate_rmsd_angle.angle_value                97.32 
_pdbx_validate_rmsd_angle.angle_target_value         102.40 
_pdbx_validate_rmsd_angle.angle_deviation            -5.08 
_pdbx_validate_rmsd_angle.angle_standard_deviation   0.80 
_pdbx_validate_rmsd_angle.linker_flag                N 
# 
_pdbx_struct_special_symmetry.id              1 
_pdbx_struct_special_symmetry.PDB_model_num   1 
_pdbx_struct_special_symmetry.auth_asym_id    A 
_pdbx_struct_special_symmetry.auth_comp_id    K0F 
_pdbx_struct_special_symmetry.auth_seq_id     103 
_pdbx_struct_special_symmetry.PDB_ins_code    ? 
_pdbx_struct_special_symmetry.label_asym_id   D 
_pdbx_struct_special_symmetry.label_comp_id   K0F 
_pdbx_struct_special_symmetry.label_seq_id    . 
# 
_pdbx_entry_details.entry_id                 7ZUR 
_pdbx_entry_details.has_ligand_of_interest   Y 
_pdbx_entry_details.compound_details         ? 
_pdbx_entry_details.source_details           ? 
_pdbx_entry_details.nonpolymer_details       ? 
_pdbx_entry_details.sequence_details         ? 
# 
loop_
_chem_comp_atom.comp_id 
_chem_comp_atom.atom_id 
_chem_comp_atom.type_symbol 
_chem_comp_atom.pdbx_aromatic_flag 
_chem_comp_atom.pdbx_stereo_config 
_chem_comp_atom.pdbx_ordinal 
DA  OP3    O N N 1   
DA  P      P N N 2   
DA  OP1    O N N 3   
DA  OP2    O N N 4   
DA  "O5'"  O N N 5   
DA  "C5'"  C N N 6   
DA  "C4'"  C N R 7   
DA  "O4'"  O N N 8   
DA  "C3'"  C N S 9   
DA  "O3'"  O N N 10  
DA  "C2'"  C N N 11  
DA  "C1'"  C N R 12  
DA  N9     N Y N 13  
DA  C8     C Y N 14  
DA  N7     N Y N 15  
DA  C5     C Y N 16  
DA  C6     C Y N 17  
DA  N6     N N N 18  
DA  N1     N Y N 19  
DA  C2     C Y N 20  
DA  N3     N Y N 21  
DA  C4     C Y N 22  
DA  HOP3   H N N 23  
DA  HOP2   H N N 24  
DA  "H5'"  H N N 25  
DA  "H5''" H N N 26  
DA  "H4'"  H N N 27  
DA  "H3'"  H N N 28  
DA  "HO3'" H N N 29  
DA  "H2'"  H N N 30  
DA  "H2''" H N N 31  
DA  "H1'"  H N N 32  
DA  H8     H N N 33  
DA  H61    H N N 34  
DA  H62    H N N 35  
DA  H2     H N N 36  
DG  OP3    O N N 37  
DG  P      P N N 38  
DG  OP1    O N N 39  
DG  OP2    O N N 40  
DG  "O5'"  O N N 41  
DG  "C5'"  C N N 42  
DG  "C4'"  C N R 43  
DG  "O4'"  O N N 44  
DG  "C3'"  C N S 45  
DG  "O3'"  O N N 46  
DG  "C2'"  C N N 47  
DG  "C1'"  C N R 48  
DG  N9     N Y N 49  
DG  C8     C Y N 50  
DG  N7     N Y N 51  
DG  C5     C Y N 52  
DG  C6     C N N 53  
DG  O6     O N N 54  
DG  N1     N N N 55  
DG  C2     C N N 56  
DG  N2     N N N 57  
DG  N3     N N N 58  
DG  C4     C Y N 59  
DG  HOP3   H N N 60  
DG  HOP2   H N N 61  
DG  "H5'"  H N N 62  
DG  "H5''" H N N 63  
DG  "H4'"  H N N 64  
DG  "H3'"  H N N 65  
DG  "HO3'" H N N 66  
DG  "H2'"  H N N 67  
DG  "H2''" H N N 68  
DG  "H1'"  H N N 69  
DG  H8     H N N 70  
DG  H1     H N N 71  
DG  H21    H N N 72  
DG  H22    H N N 73  
DT  OP3    O N N 74  
DT  P      P N N 75  
DT  OP1    O N N 76  
DT  OP2    O N N 77  
DT  "O5'"  O N N 78  
DT  "C5'"  C N N 79  
DT  "C4'"  C N R 80  
DT  "O4'"  O N N 81  
DT  "C3'"  C N S 82  
DT  "O3'"  O N N 83  
DT  "C2'"  C N N 84  
DT  "C1'"  C N R 85  
DT  N1     N N N 86  
DT  C2     C N N 87  
DT  O2     O N N 88  
DT  N3     N N N 89  
DT  C4     C N N 90  
DT  O4     O N N 91  
DT  C5     C N N 92  
DT  C7     C N N 93  
DT  C6     C N N 94  
DT  HOP3   H N N 95  
DT  HOP2   H N N 96  
DT  "H5'"  H N N 97  
DT  "H5''" H N N 98  
DT  "H4'"  H N N 99  
DT  "H3'"  H N N 100 
DT  "HO3'" H N N 101 
DT  "H2'"  H N N 102 
DT  "H2''" H N N 103 
DT  "H1'"  H N N 104 
DT  H3     H N N 105 
DT  H71    H N N 106 
DT  H72    H N N 107 
DT  H73    H N N 108 
DT  H6     H N N 109 
HOH O      O N N 110 
HOH H1     H N N 111 
HOH H2     H N N 112 
K   K      K N N 113 
K0F C4     C N N 114 
K0F C2     C N N 115 
K0F N1     N Y N 116 
K0F C6     C Y N 117 
K0F C5     C Y N 118 
K0F C8     C Y N 119 
K0F C1     C N N 120 
K0F C3     C N N 121 
K0F N2     N Y N 122 
K0F C7     C Y N 123 
K0F C9     C Y N 124 
K0F O6     O N N 125 
K0F O7     O N N 126 
K0F O8     O N N 127 
K0F O9     O N N 128 
K0F C16    C N N 129 
K0F C17    C N N 130 
K0F C18    C Y N 131 
K0F C19    C Y N 132 
K0F C20    C Y N 133 
K0F C21    C Y N 134 
K0F C22    C Y N 135 
K0F C23    C Y N 136 
K0F C24    C Y N 137 
K0F C25    C Y N 138 
K0F C26    C Y N 139 
K0F C27    C N N 140 
K0F C28    C N N 141 
K0F C29    C Y N 142 
K0F C30    C Y N 143 
K0F C31    C Y N 144 
K0F C32    C Y N 145 
K0F C33    C Y N 146 
K0F C34    C Y N 147 
K0F C35    C N N 148 
K0F H7     H N N 149 
K0F H8     H N N 150 
K0F H3     H N N 151 
K0F H4     H N N 152 
K0F H10    H N N 153 
K0F H9     H N N 154 
K0F H29    H N N 155 
K0F H2     H N N 156 
K0F H1     H N N 157 
K0F H6     H N N 158 
K0F H5     H N N 159 
K0F H30    H N N 160 
K0F H12    H N N 161 
K0F H11    H N N 162 
K0F H13    H N N 163 
K0F H15    H N N 164 
K0F H14    H N N 165 
K0F H16    H N N 166 
K0F H17    H N N 167 
K0F H18    H N N 168 
K0F H19    H N N 169 
K0F H21    H N N 170 
K0F H22    H N N 171 
K0F H23    H N N 172 
K0F H24    H N N 173 
K0F H25    H N N 174 
K0F H26    H N N 175 
K0F H27    H N N 176 
K0F H28    H N N 177 
# 
loop_
_chem_comp_bond.comp_id 
_chem_comp_bond.atom_id_1 
_chem_comp_bond.atom_id_2 
_chem_comp_bond.value_order 
_chem_comp_bond.pdbx_aromatic_flag 
_chem_comp_bond.pdbx_stereo_config 
_chem_comp_bond.pdbx_ordinal 
DA  OP3   P      sing N N 1   
DA  OP3   HOP3   sing N N 2   
DA  P     OP1    doub N N 3   
DA  P     OP2    sing N N 4   
DA  P     "O5'"  sing N N 5   
DA  OP2   HOP2   sing N N 6   
DA  "O5'" "C5'"  sing N N 7   
DA  "C5'" "C4'"  sing N N 8   
DA  "C5'" "H5'"  sing N N 9   
DA  "C5'" "H5''" sing N N 10  
DA  "C4'" "O4'"  sing N N 11  
DA  "C4'" "C3'"  sing N N 12  
DA  "C4'" "H4'"  sing N N 13  
DA  "O4'" "C1'"  sing N N 14  
DA  "C3'" "O3'"  sing N N 15  
DA  "C3'" "C2'"  sing N N 16  
DA  "C3'" "H3'"  sing N N 17  
DA  "O3'" "HO3'" sing N N 18  
DA  "C2'" "C1'"  sing N N 19  
DA  "C2'" "H2'"  sing N N 20  
DA  "C2'" "H2''" sing N N 21  
DA  "C1'" N9     sing N N 22  
DA  "C1'" "H1'"  sing N N 23  
DA  N9    C8     sing Y N 24  
DA  N9    C4     sing Y N 25  
DA  C8    N7     doub Y N 26  
DA  C8    H8     sing N N 27  
DA  N7    C5     sing Y N 28  
DA  C5    C6     sing Y N 29  
DA  C5    C4     doub Y N 30  
DA  C6    N6     sing N N 31  
DA  C6    N1     doub Y N 32  
DA  N6    H61    sing N N 33  
DA  N6    H62    sing N N 34  
DA  N1    C2     sing Y N 35  
DA  C2    N3     doub Y N 36  
DA  C2    H2     sing N N 37  
DA  N3    C4     sing Y N 38  
DG  OP3   P      sing N N 39  
DG  OP3   HOP3   sing N N 40  
DG  P     OP1    doub N N 41  
DG  P     OP2    sing N N 42  
DG  P     "O5'"  sing N N 43  
DG  OP2   HOP2   sing N N 44  
DG  "O5'" "C5'"  sing N N 45  
DG  "C5'" "C4'"  sing N N 46  
DG  "C5'" "H5'"  sing N N 47  
DG  "C5'" "H5''" sing N N 48  
DG  "C4'" "O4'"  sing N N 49  
DG  "C4'" "C3'"  sing N N 50  
DG  "C4'" "H4'"  sing N N 51  
DG  "O4'" "C1'"  sing N N 52  
DG  "C3'" "O3'"  sing N N 53  
DG  "C3'" "C2'"  sing N N 54  
DG  "C3'" "H3'"  sing N N 55  
DG  "O3'" "HO3'" sing N N 56  
DG  "C2'" "C1'"  sing N N 57  
DG  "C2'" "H2'"  sing N N 58  
DG  "C2'" "H2''" sing N N 59  
DG  "C1'" N9     sing N N 60  
DG  "C1'" "H1'"  sing N N 61  
DG  N9    C8     sing Y N 62  
DG  N9    C4     sing Y N 63  
DG  C8    N7     doub Y N 64  
DG  C8    H8     sing N N 65  
DG  N7    C5     sing Y N 66  
DG  C5    C6     sing N N 67  
DG  C5    C4     doub Y N 68  
DG  C6    O6     doub N N 69  
DG  C6    N1     sing N N 70  
DG  N1    C2     sing N N 71  
DG  N1    H1     sing N N 72  
DG  C2    N2     sing N N 73  
DG  C2    N3     doub N N 74  
DG  N2    H21    sing N N 75  
DG  N2    H22    sing N N 76  
DG  N3    C4     sing N N 77  
DT  OP3   P      sing N N 78  
DT  OP3   HOP3   sing N N 79  
DT  P     OP1    doub N N 80  
DT  P     OP2    sing N N 81  
DT  P     "O5'"  sing N N 82  
DT  OP2   HOP2   sing N N 83  
DT  "O5'" "C5'"  sing N N 84  
DT  "C5'" "C4'"  sing N N 85  
DT  "C5'" "H5'"  sing N N 86  
DT  "C5'" "H5''" sing N N 87  
DT  "C4'" "O4'"  sing N N 88  
DT  "C4'" "C3'"  sing N N 89  
DT  "C4'" "H4'"  sing N N 90  
DT  "O4'" "C1'"  sing N N 91  
DT  "C3'" "O3'"  sing N N 92  
DT  "C3'" "C2'"  sing N N 93  
DT  "C3'" "H3'"  sing N N 94  
DT  "O3'" "HO3'" sing N N 95  
DT  "C2'" "C1'"  sing N N 96  
DT  "C2'" "H2'"  sing N N 97  
DT  "C2'" "H2''" sing N N 98  
DT  "C1'" N1     sing N N 99  
DT  "C1'" "H1'"  sing N N 100 
DT  N1    C2     sing N N 101 
DT  N1    C6     sing N N 102 
DT  C2    O2     doub N N 103 
DT  C2    N3     sing N N 104 
DT  N3    C4     sing N N 105 
DT  N3    H3     sing N N 106 
DT  C4    O4     doub N N 107 
DT  C4    C5     sing N N 108 
DT  C5    C7     sing N N 109 
DT  C5    C6     doub N N 110 
DT  C7    H71    sing N N 111 
DT  C7    H72    sing N N 112 
DT  C7    H73    sing N N 113 
DT  C6    H6     sing N N 114 
HOH O     H1     sing N N 115 
HOH O     H2     sing N N 116 
K0F C4    C3     sing N N 117 
K0F C4    C7     sing N N 118 
K0F C2    C1     sing N N 119 
K0F C2    C3     sing N N 120 
K0F N1    C24    doub Y N 121 
K0F N1    C25    sing Y N 122 
K0F N1    C27    sing N N 123 
K0F C6    C5     doub Y N 124 
K0F C6    C7     sing Y N 125 
K0F C5    N2     sing Y N 126 
K0F C8    C7     doub Y N 127 
K0F C8    C9     sing Y N 128 
K0F C1    C26    sing N N 129 
K0F N2    C9     doub Y N 130 
K0F O6    C16    sing N N 131 
K0F O6    C18    sing N N 132 
K0F O7    C17    sing N N 133 
K0F O7    C20    sing N N 134 
K0F O8    C34    sing N N 135 
K0F O8    C35    sing N N 136 
K0F O9    C33    sing N N 137 
K0F O9    C35    sing N N 138 
K0F C18   C19    doub Y N 139 
K0F C18   C20    sing Y N 140 
K0F C19   C21    sing Y N 141 
K0F C20   C23    doub Y N 142 
K0F C21   C22    doub Y N 143 
K0F C22   C23    sing Y N 144 
K0F C22   C26    sing Y N 145 
K0F C23   C24    sing Y N 146 
K0F C25   C26    doub Y N 147 
K0F C25   C30    sing N N 148 
K0F C27   C28    sing N N 149 
K0F C28   C29    sing N N 150 
K0F C29   C30    doub Y N 151 
K0F C29   C32    sing Y N 152 
K0F C30   C31    sing Y N 153 
K0F C31   C34    doub Y N 154 
K0F C32   C33    doub Y N 155 
K0F C33   C34    sing Y N 156 
K0F C4    H7     sing N N 157 
K0F C4    H8     sing N N 158 
K0F C2    H3     sing N N 159 
K0F C2    H4     sing N N 160 
K0F C6    H10    sing N N 161 
K0F C5    H9     sing N N 162 
K0F C8    H29    sing N N 163 
K0F C1    H2     sing N N 164 
K0F C1    H1     sing N N 165 
K0F C3    H6     sing N N 166 
K0F C3    H5     sing N N 167 
K0F C9    H30    sing N N 168 
K0F C16   H12    sing N N 169 
K0F C16   H11    sing N N 170 
K0F C16   H13    sing N N 171 
K0F C17   H15    sing N N 172 
K0F C17   H14    sing N N 173 
K0F C17   H16    sing N N 174 
K0F C19   H17    sing N N 175 
K0F C21   H18    sing N N 176 
K0F C24   H19    sing N N 177 
K0F C27   H21    sing N N 178 
K0F C27   H22    sing N N 179 
K0F C28   H23    sing N N 180 
K0F C28   H24    sing N N 181 
K0F C31   H25    sing N N 182 
K0F C32   H26    sing N N 183 
K0F C35   H27    sing N N 184 
K0F C35   H28    sing N N 185 
# 
loop_
_ndb_struct_conf_na.entry_id 
_ndb_struct_conf_na.feature 
7ZUR 'double helix'    
7ZUR 'quadruple helix' 
# 
loop_
_ndb_struct_na_base_pair.model_number 
_ndb_struct_na_base_pair.i_label_asym_id 
_ndb_struct_na_base_pair.i_label_comp_id 
_ndb_struct_na_base_pair.i_label_seq_id 
_ndb_struct_na_base_pair.i_symmetry 
_ndb_struct_na_base_pair.j_label_asym_id 
_ndb_struct_na_base_pair.j_label_comp_id 
_ndb_struct_na_base_pair.j_label_seq_id 
_ndb_struct_na_base_pair.j_symmetry 
_ndb_struct_na_base_pair.shear 
_ndb_struct_na_base_pair.stretch 
_ndb_struct_na_base_pair.stagger 
_ndb_struct_na_base_pair.buckle 
_ndb_struct_na_base_pair.propeller 
_ndb_struct_na_base_pair.opening 
_ndb_struct_na_base_pair.pair_number 
_ndb_struct_na_base_pair.pair_name 
_ndb_struct_na_base_pair.i_auth_asym_id 
_ndb_struct_na_base_pair.i_auth_seq_id 
_ndb_struct_na_base_pair.i_PDB_ins_code 
_ndb_struct_na_base_pair.j_auth_asym_id 
_ndb_struct_na_base_pair.j_auth_seq_id 
_ndb_struct_na_base_pair.j_PDB_ins_code 
_ndb_struct_na_base_pair.hbond_type_28 
_ndb_struct_na_base_pair.hbond_type_12 
1 A DG 3 1_555 A DG 9  1_555 1.934  3.579  -0.146 1.580   -2.336  -87.296  1 A_DG3:DG9_A  A 3 ? A 9  ? 6  3 
1 A DG 4 1_555 A DG 10 1_555 1.650  3.529  -0.192 5.899   -7.463  -90.483  2 A_DG4:DG10_A A 4 ? A 10 ? 6  3 
1 A DG 5 1_555 A DG 11 1_555 1.570  3.393  -0.414 7.743   -15.107 -89.197  3 A_DG5:DG11_A A 5 ? A 11 ? 6  3 
1 A DT 1 1_555 A DA 2  2_545 -0.036 -0.118 0.298  -12.727 9.707   -177.910 4 A_DT1:DA2_A  A 1 ? A 2  ? 21 2 
1 A DG 9 1_555 A DG 3  2_545 1.468  3.090  -0.086 -1.709  -5.134  -92.623  5 A_DG9:DG3_A  A 9 ? A 3  ? 6  3 
1 A DG 3 1_555 A DG 9  2_545 -1.468 -3.090 0.086  1.709   5.134   92.623   6 A_DG3:DG9_A  A 3 ? A 9  ? 6  3 
1 A DT 1 2_545 A DA 2  1_555 -0.036 -0.118 0.298  -12.727 9.707   -177.910 7 A_DT1:DA2_A  A 1 ? A 2  ? 21 2 
# 
loop_
_ndb_struct_na_base_pair_step.model_number 
_ndb_struct_na_base_pair_step.i_label_asym_id_1 
_ndb_struct_na_base_pair_step.i_label_comp_id_1 
_ndb_struct_na_base_pair_step.i_label_seq_id_1 
_ndb_struct_na_base_pair_step.i_symmetry_1 
_ndb_struct_na_base_pair_step.j_label_asym_id_1 
_ndb_struct_na_base_pair_step.j_label_comp_id_1 
_ndb_struct_na_base_pair_step.j_label_seq_id_1 
_ndb_struct_na_base_pair_step.j_symmetry_1 
_ndb_struct_na_base_pair_step.i_label_asym_id_2 
_ndb_struct_na_base_pair_step.i_label_comp_id_2 
_ndb_struct_na_base_pair_step.i_label_seq_id_2 
_ndb_struct_na_base_pair_step.i_symmetry_2 
_ndb_struct_na_base_pair_step.j_label_asym_id_2 
_ndb_struct_na_base_pair_step.j_label_comp_id_2 
_ndb_struct_na_base_pair_step.j_label_seq_id_2 
_ndb_struct_na_base_pair_step.j_symmetry_2 
_ndb_struct_na_base_pair_step.shift 
_ndb_struct_na_base_pair_step.slide 
_ndb_struct_na_base_pair_step.rise 
_ndb_struct_na_base_pair_step.tilt 
_ndb_struct_na_base_pair_step.roll 
_ndb_struct_na_base_pair_step.twist 
_ndb_struct_na_base_pair_step.x_displacement 
_ndb_struct_na_base_pair_step.y_displacement 
_ndb_struct_na_base_pair_step.helical_rise 
_ndb_struct_na_base_pair_step.inclination 
_ndb_struct_na_base_pair_step.tip 
_ndb_struct_na_base_pair_step.helical_twist 
_ndb_struct_na_base_pair_step.step_number 
_ndb_struct_na_base_pair_step.step_name 
_ndb_struct_na_base_pair_step.i_auth_asym_id_1 
_ndb_struct_na_base_pair_step.i_auth_seq_id_1 
_ndb_struct_na_base_pair_step.i_PDB_ins_code_1 
_ndb_struct_na_base_pair_step.j_auth_asym_id_1 
_ndb_struct_na_base_pair_step.j_auth_seq_id_1 
_ndb_struct_na_base_pair_step.j_PDB_ins_code_1 
_ndb_struct_na_base_pair_step.i_auth_asym_id_2 
_ndb_struct_na_base_pair_step.i_auth_seq_id_2 
_ndb_struct_na_base_pair_step.i_PDB_ins_code_2 
_ndb_struct_na_base_pair_step.j_auth_asym_id_2 
_ndb_struct_na_base_pair_step.j_auth_seq_id_2 
_ndb_struct_na_base_pair_step.j_PDB_ins_code_2 
1 A DG 3 1_555 A DG 9  1_555 A DG 4 1_555 A DG 10 1_555 -0.528 -0.732 3.276 -1.395 2.871  28.527  -2.120 0.753 3.210 5.802  2.820  
28.701  1 AA_DG3DG4:DG10DG9_AA  A 3 ? A 9  ? A 4 ? A 10 ? 
1 A DG 4 1_555 A DG 10 1_555 A DG 5 1_555 A DG 11 1_555 -0.485 -0.478 3.086 3.280  3.161  26.564  -1.774 1.819 2.930 6.815  -7.072 
26.945  2 AA_DG4DG5:DG11DG10_AA A 4 ? A 10 ? A 5 ? A 11 ? 
1 A DT 1 1_555 A DA 2  2_545 A DG 9 1_555 A DG 3  2_545 -0.204 1.954  3.097 4.071  -4.380 80.930  1.607  0.254 2.995 -3.370 -3.132 
81.112  3 AA_DT1DG9:DG3DA2_AA   A 1 ? A 2  ? A 9 ? A 3  ? 
1 A DG 9 1_555 A DG 3  2_545 A DG 3 1_555 A DG 9  2_545 -1.935 -3.581 0.000 -1.580 2.338  180.000 -1.791 0.967 0.000 1.169  0.790  
180.000 4 AA_DG9DG3:DG9DG3_AA   A 9 ? A 3  ? A 3 ? A 9  ? 
# 
loop_
_pdbx_audit_support.funding_organization 
_pdbx_audit_support.country 
_pdbx_audit_support.grant_number 
_pdbx_audit_support.ordinal 
'Other private' Italy 'ISP B/2021/0168' 1 
'Other private' Italy 'ECR 23942_2019'  2 
# 
_pdbx_entity_instance_feature.ordinal        1 
_pdbx_entity_instance_feature.comp_id        K0F 
_pdbx_entity_instance_feature.asym_id        ? 
_pdbx_entity_instance_feature.seq_num        ? 
_pdbx_entity_instance_feature.auth_comp_id   K0F 
_pdbx_entity_instance_feature.auth_asym_id   ? 
_pdbx_entity_instance_feature.auth_seq_num   ? 
_pdbx_entity_instance_feature.feature_type   'SUBJECT OF INVESTIGATION' 
_pdbx_entity_instance_feature.details        ? 
# 
_pdbx_initial_refinement_model.id               1 
_pdbx_initial_refinement_model.entity_id_list   ? 
_pdbx_initial_refinement_model.type             'experimental model' 
_pdbx_initial_refinement_model.source_name      PDB 
_pdbx_initial_refinement_model.accession_code   5CDB 
_pdbx_initial_refinement_model.details          ? 
# 
_atom_sites.entry_id                    7ZUR 
_atom_sites.Cartn_transf_matrix[1][1]   ? 
_atom_sites.Cartn_transf_matrix[1][2]   ? 
_atom_sites.Cartn_transf_matrix[1][3]   ? 
_atom_sites.Cartn_transf_matrix[2][1]   ? 
_atom_sites.Cartn_transf_matrix[2][2]   ? 
_atom_sites.Cartn_transf_matrix[2][3]   ? 
_atom_sites.Cartn_transf_matrix[3][1]   ? 
_atom_sites.Cartn_transf_matrix[3][2]   ? 
_atom_sites.Cartn_transf_matrix[3][3]   ? 
_atom_sites.Cartn_transf_vector[1]      ? 
_atom_sites.Cartn_transf_vector[2]      ? 
_atom_sites.Cartn_transf_vector[3]      ? 
_atom_sites.fract_transf_matrix[1][1]   -0.01939570 
_atom_sites.fract_transf_matrix[1][2]   0.00888759 
_atom_sites.fract_transf_matrix[1][3]   0.01044139 
_atom_sites.fract_transf_matrix[2][1]   -0.01040702 
_atom_sites.fract_transf_matrix[2][2]   0.00223524 
_atom_sites.fract_transf_matrix[2][3]   -0.02123447 
_atom_sites.fract_transf_matrix[3][1]   -0.01100632 
_atom_sites.fract_transf_matrix[3][2]   -0.02701575 
_atom_sites.fract_transf_matrix[3][3]   0.00255039 
_atom_sites.fract_transf_vector[1]      0.141115 
_atom_sites.fract_transf_vector[2]      -0.526140 
_atom_sites.fract_transf_vector[3]      -0.087067 
_atom_sites.solution_primary            ? 
_atom_sites.solution_secondary          ? 
_atom_sites.solution_hydrogens          ? 
_atom_sites.special_details             ? 
# 
loop_
_atom_type.symbol 
C 
H 
K 
N 
O 
P 
# 
loop_
_atom_site.group_PDB 
_atom_site.id 
_atom_site.type_symbol 
_atom_site.label_atom_id 
_atom_site.label_alt_id 
_atom_site.label_comp_id 
_atom_site.label_asym_id 
_atom_site.label_entity_id 
_atom_site.label_seq_id 
_atom_site.pdbx_PDB_ins_code 
_atom_site.Cartn_x 
_atom_site.Cartn_y 
_atom_site.Cartn_z 
_atom_site.occupancy 
_atom_site.B_iso_or_equiv 
_atom_site.pdbx_formal_charge 
_atom_site.auth_seq_id 
_atom_site.auth_comp_id 
_atom_site.auth_asym_id 
_atom_site.auth_atom_id 
_atom_site.pdbx_PDB_model_num 
ATOM   1   C "C5'"  . DT  A 1 1  ? 6.250   -9.862  -10.427 1.00 86.89  ? 1   DT  A "C5'"  1 
ATOM   2   C "C4'"  . DT  A 1 1  ? 4.813   -9.597  -10.032 1.00 94.91  ? 1   DT  A "C4'"  1 
ATOM   3   O "O4'"  . DT  A 1 1  ? 4.608   -9.669  -8.596  1.00 96.98  ? 1   DT  A "O4'"  1 
ATOM   4   C "C3'"  . DT  A 1 1  ? 4.262   -8.237  -10.416 1.00 95.85  ? 1   DT  A "C3'"  1 
ATOM   5   O "O3'"  . DT  A 1 1  ? 2.851   -8.399  -10.564 1.00 85.15  ? 1   DT  A "O3'"  1 
ATOM   6   C "C2'"  . DT  A 1 1  ? 4.569   -7.389  -9.196  1.00 96.74  ? 1   DT  A "C2'"  1 
ATOM   7   C "C1'"  . DT  A 1 1  ? 4.373   -8.363  -8.042  1.00 88.22  ? 1   DT  A "C1'"  1 
ATOM   8   N N1     . DT  A 1 1  ? 5.314   -8.186  -6.911  1.00 74.00  ? 1   DT  A N1     1 
ATOM   9   C C2     . DT  A 1 1  ? 4.885   -7.758  -5.672  1.00 73.77  ? 1   DT  A C2     1 
ATOM   10  O O2     . DT  A 1 1  ? 3.733   -7.447  -5.429  1.00 77.54  ? 1   DT  A O2     1 
ATOM   11  N N3     . DT  A 1 1  ? 5.872   -7.687  -4.722  1.00 80.99  ? 1   DT  A N3     1 
ATOM   12  C C4     . DT  A 1 1  ? 7.208   -8.015  -4.879  1.00 74.32  ? 1   DT  A C4     1 
ATOM   13  O O4     . DT  A 1 1  ? 7.978   -7.917  -3.927  1.00 85.93  ? 1   DT  A O4     1 
ATOM   14  C C5     . DT  A 1 1  ? 7.584   -8.448  -6.202  1.00 73.15  ? 1   DT  A C5     1 
ATOM   15  C C7     . DT  A 1 1  ? 9.012   -8.799  -6.473  1.00 81.81  ? 1   DT  A C7     1 
ATOM   16  C C6     . DT  A 1 1  ? 6.633   -8.512  -7.136  1.00 75.87  ? 1   DT  A C6     1 
ATOM   17  H "H5'"  . DT  A 1 1  ? 6.257   -10.648 -11.197 0.00 2.00   ? 1   DT  A "H5'"  1 
ATOM   18  H "H5''" . DT  A 1 1  ? 6.664   -10.645 -9.790  1.00 89.08  ? 1   DT  A "H5''" 1 
ATOM   19  H "H4'"  . DT  A 1 1  ? 4.217   -10.331 -10.582 1.00 93.85  ? 1   DT  A "H4'"  1 
ATOM   20  H "H3'"  . DT  A 1 1  ? 4.772   -7.853  -11.311 1.00 93.63  ? 1   DT  A "H3'"  1 
ATOM   21  H "H2'"  . DT  A 1 1  ? 5.596   -7.025  -9.243  1.00 94.36  ? 1   DT  A "H2'"  1 
ATOM   22  H "H2''" . DT  A 1 1  ? 3.875   -6.552  -9.121  1.00 94.25  ? 1   DT  A "H2''" 1 
ATOM   23  H "H1'"  . DT  A 1 1  ? 3.342   -8.280  -7.695  1.00 88.11  ? 1   DT  A "H1'"  1 
ATOM   24  H H3     . DT  A 1 1  ? 5.595   -7.373  -3.777  1.00 77.71  ? 1   DT  A H3     1 
ATOM   25  H H71    . DT  A 1 1  ? 9.652   -8.141  -5.947  1.00 79.01  ? 1   DT  A H71    1 
ATOM   26  H H72    . DT  A 1 1  ? 9.198   -9.795  -6.165  1.00 78.93  ? 1   DT  A H72    1 
ATOM   27  H H73    . DT  A 1 1  ? 9.205   -8.715  -7.511  1.00 78.99  ? 1   DT  A H73    1 
ATOM   28  H H6     . DT  A 1 1  ? 6.932   -8.854  -8.113  1.00 75.23  ? 1   DT  A H6     1 
ATOM   29  P P      . DA  A 1 2  ? 2.170   -7.920  -11.894 1.00 79.13  ? 2   DA  A P      1 
ATOM   30  O OP1    . DA  A 1 2  ? 2.236   -9.032  -12.853 1.00 91.51  ? 2   DA  A OP1    1 
ATOM   31  O OP2    . DA  A 1 2  ? 2.713   -6.589  -12.220 1.00 81.12  ? 2   DA  A OP2    1 
ATOM   32  O "O5'"  . DA  A 1 2  ? 0.663   -7.705  -11.470 1.00 78.45  ? 2   DA  A "O5'"  1 
ATOM   33  C "C5'"  . DA  A 1 2  ? -0.315  -7.422  -12.455 1.00 83.59  ? 2   DA  A "C5'"  1 
ATOM   34  C "C4'"  . DA  A 1 2  ? -1.418  -6.604  -11.830 1.00 84.94  ? 2   DA  A "C4'"  1 
ATOM   35  O "O4'"  . DA  A 1 2  ? -1.369  -6.779  -10.393 1.00 74.54  ? 2   DA  A "O4'"  1 
ATOM   36  C "C3'"  . DA  A 1 2  ? -1.309  -5.100  -12.066 1.00 90.20  ? 2   DA  A "C3'"  1 
ATOM   37  O "O3'"  . DA  A 1 2  ? -2.608  -4.506  -12.014 1.00 99.74  ? 2   DA  A "O3'"  1 
ATOM   38  C "C2'"  . DA  A 1 2  ? -0.531  -4.633  -10.856 1.00 89.56  ? 2   DA  A "C2'"  1 
ATOM   39  C "C1'"  . DA  A 1 2  ? -1.119  -5.528  -9.771  1.00 82.64  ? 2   DA  A "C1'"  1 
ATOM   40  N N9     . DA  A 1 2  ? -0.232  -5.759  -8.631  1.00 68.23  ? 2   DA  A N9     1 
ATOM   41  C C8     . DA  A 1 2  ? 1.036   -6.288  -8.611  1.00 58.31  ? 2   DA  A C8     1 
ATOM   42  N N7     . DA  A 1 2  ? 1.560   -6.356  -7.413  1.00 52.99  ? 2   DA  A N7     1 
ATOM   43  C C5     . DA  A 1 2  ? 0.575   -5.823  -6.592  1.00 45.19  ? 2   DA  A C5     1 
ATOM   44  C C6     . DA  A 1 2  ? 0.529   -5.597  -5.225  1.00 44.29  ? 2   DA  A C6     1 
ATOM   45  N N6     . DA  A 1 2  ? 1.525   -5.912  -4.398  1.00 57.58  ? 2   DA  A N6     1 
ATOM   46  N N1     . DA  A 1 2  ? -0.579  -5.020  -4.719  1.00 59.43  ? 2   DA  A N1     1 
ATOM   47  C C2     . DA  A 1 2  ? -1.584  -4.732  -5.548  1.00 64.02  ? 2   DA  A C2     1 
ATOM   48  N N3     . DA  A 1 2  ? -1.658  -4.898  -6.861  1.00 56.61  ? 2   DA  A N3     1 
ATOM   49  C C4     . DA  A 1 2  ? -0.534  -5.462  -7.325  1.00 48.30  ? 2   DA  A C4     1 
ATOM   50  H "H5'"  . DA  A 1 2  ? -0.725  -8.361  -12.831 1.00 82.65  ? 2   DA  A "H5'"  1 
ATOM   51  H "H5''" . DA  A 1 2  ? 0.133   -6.891  -13.296 1.00 82.66  ? 2   DA  A "H5''" 1 
ATOM   52  H "H4'"  . DA  A 1 2  ? -2.386  -6.951  -12.213 1.00 83.57  ? 2   DA  A "H4'"  1 
ATOM   53  H "H3'"  . DA  A 1 2  ? -0.770  -4.882  -12.998 1.00 90.72  ? 2   DA  A "H3'"  1 
ATOM   54  H "H2'"  . DA  A 1 2  ? 0.542   -4.796  -10.984 1.00 87.92  ? 2   DA  A "H2'"  1 
ATOM   55  H "H2''" . DA  A 1 2  ? -0.730  -3.586  -10.654 1.00 87.83  ? 2   DA  A "H2''" 1 
ATOM   56  H "H1'"  . DA  A 1 2  ? -2.069  -5.087  -9.442  1.00 79.30  ? 2   DA  A "H1'"  1 
ATOM   57  H H8     . DA  A 1 2  ? 1.545   -6.636  -9.485  1.00 59.02  ? 2   DA  A H8     1 
ATOM   58  H H61    . DA  A 1 2  ? 2.369   -6.326  -4.770  1.00 53.84  ? 2   DA  A H61    1 
ATOM   59  H H62    . DA  A 1 2  ? 1.455   -5.737  -3.408  1.00 53.84  ? 2   DA  A H62    1 
ATOM   60  H H2     . DA  A 1 2  ? -2.460  -4.291  -5.088  1.00 60.52  ? 2   DA  A H2     1 
ATOM   61  P P      . DG  A 1 3  ? -2.863  -3.045  -12.605 1.00 98.04  ? 3   DG  A P      1 
ATOM   62  O OP1    . DG  A 1 3  ? -4.149  -3.072  -13.338 1.00 100.28 ? 3   DG  A OP1    1 
ATOM   63  O OP2    . DG  A 1 3  ? -1.634  -2.572  -13.279 1.00 83.08  ? 3   DG  A OP2    1 
ATOM   64  O "O5'"  . DG  A 1 3  ? -3.067  -2.174  -11.295 1.00 85.73  ? 3   DG  A "O5'"  1 
ATOM   65  C "C5'"  . DG  A 1 3  ? -4.286  -2.281  -10.565 1.00 78.14  ? 3   DG  A "C5'"  1 
ATOM   66  C "C4'"  . DG  A 1 3  ? -4.228  -1.335  -9.393  1.00 80.51  ? 3   DG  A "C4'"  1 
ATOM   67  O "O4'"  . DG  A 1 3  ? -3.214  -1.776  -8.454  1.00 81.60  ? 3   DG  A "O4'"  1 
ATOM   68  C "C3'"  . DG  A 1 3  ? -3.866  0.106   -9.751  1.00 77.65  ? 3   DG  A "C3'"  1 
ATOM   69  O "O3'"  . DG  A 1 3  ? -4.640  0.903   -8.853  1.00 85.20  ? 3   DG  A "O3'"  1 
ATOM   70  C "C2'"  . DG  A 1 3  ? -2.383  0.165   -9.441  1.00 78.50  ? 3   DG  A "C2'"  1 
ATOM   71  C "C1'"  . DG  A 1 3  ? -2.321  -0.709  -8.208  1.00 71.50  ? 3   DG  A "C1'"  1 
ATOM   72  N N9     . DG  A 1 3  ? -1.021  -1.276  -7.875  1.00 59.24  ? 3   DG  A N9     1 
ATOM   73  C C8     . DG  A 1 3  ? -0.051  -1.754  -8.721  1.00 57.42  ? 3   DG  A C8     1 
ATOM   74  N N7     . DG  A 1 3  ? 1.001   -2.199  -8.091  1.00 53.95  ? 3   DG  A N7     1 
ATOM   75  C C5     . DG  A 1 3  ? 0.688   -2.033  -6.750  1.00 56.30  ? 3   DG  A C5     1 
ATOM   76  C C6     . DG  A 1 3  ? 1.435   -2.336  -5.592  1.00 48.71  ? 3   DG  A C6     1 
ATOM   77  O O6     . DG  A 1 3  ? 2.575   -2.823  -5.513  1.00 50.59  ? 3   DG  A O6     1 
ATOM   78  N N1     . DG  A 1 3  ? 0.755   -1.964  -4.438  1.00 46.64  ? 3   DG  A N1     1 
ATOM   79  C C2     . DG  A 1 3  ? -0.503  -1.399  -4.407  1.00 46.73  ? 3   DG  A C2     1 
ATOM   80  N N2     . DG  A 1 3  ? -1.027  -1.145  -3.202  1.00 52.75  ? 3   DG  A N2     1 
ATOM   81  N N3     . DG  A 1 3  ? -1.208  -1.136  -5.474  1.00 52.46  ? 3   DG  A N3     1 
ATOM   82  C C4     . DG  A 1 3  ? -0.557  -1.471  -6.605  1.00 44.23  ? 3   DG  A C4     1 
ATOM   83  H "H5'"  . DG  A 1 3  ? -4.422  -3.306  -10.212 1.00 80.41  ? 3   DG  A "H5'"  1 
ATOM   84  H "H5''" . DG  A 1 3  ? -5.135  -2.018  -11.198 1.00 80.43  ? 3   DG  A "H5''" 1 
ATOM   85  H "H4'"  . DG  A 1 3  ? -5.212  -1.348  -8.902  1.00 79.70  ? 3   DG  A "H4'"  1 
ATOM   86  H "H3'"  . DG  A 1 3  ? -4.073  0.322   -10.808 1.00 79.73  ? 3   DG  A "H3'"  1 
ATOM   87  H "H2'"  . DG  A 1 3  ? -1.789  -0.226  -10.267 1.00 76.50  ? 3   DG  A "H2'"  1 
ATOM   88  H "H2''" . DG  A 1 3  ? -2.048  1.176   -9.207  1.00 76.57  ? 3   DG  A "H2''" 1 
ATOM   89  H "H1'"  . DG  A 1 3  ? -2.694  -0.114  -7.364  1.00 71.97  ? 3   DG  A "H1'"  1 
ATOM   90  H H8     . DG  A 1 3  ? -0.133  -1.739  -9.798  1.00 56.42  ? 3   DG  A H8     1 
ATOM   91  H H1     . DG  A 1 3  ? 1.189   -2.158  -3.519  1.00 47.91  ? 3   DG  A H1     1 
ATOM   92  H H21    . DG  A 1 3  ? -0.511  -1.351  -2.359  1.00 51.16  ? 3   DG  A H21    1 
ATOM   93  H H22    . DG  A 1 3  ? -1.945  -0.729  -3.132  1.00 51.16  ? 3   DG  A H22    1 
ATOM   94  P P      . DG  A 1 4  ? -4.751  2.470   -9.017  1.00 84.43  ? 4   DG  A P      1 
ATOM   95  O OP1    . DG  A 1 4  ? -6.188  2.819   -9.182  1.00 91.10  ? 4   DG  A OP1    1 
ATOM   96  O OP2    . DG  A 1 4  ? -3.748  2.924   -9.989  1.00 76.60  ? 4   DG  A OP2    1 
ATOM   97  O "O5'"  . DG  A 1 4  ? -4.367  2.975   -7.568  1.00 79.91  ? 4   DG  A "O5'"  1 
ATOM   98  C "C5'"  . DG  A 1 4  ? -5.080  2.460   -6.444  1.00 83.84  ? 4   DG  A "C5'"  1 
ATOM   99  C "C4'"  . DG  A 1 4  ? -4.471  3.011   -5.178  1.00 84.98  ? 4   DG  A "C4'"  1 
ATOM   100 O "O4'"  . DG  A 1 4  ? -3.274  2.248   -4.847  1.00 76.23  ? 4   DG  A "O4'"  1 
ATOM   101 C "C3'"  . DG  A 1 4  ? -4.047  4.479   -5.299  1.00 72.85  ? 4   DG  A "C3'"  1 
ATOM   102 O "O3'"  . DG  A 1 4  ? -4.553  5.175   -4.166  1.00 82.70  ? 4   DG  A "O3'"  1 
ATOM   103 C "C2'"  . DG  A 1 4  ? -2.529  4.415   -5.353  1.00 70.27  ? 4   DG  A "C2'"  1 
ATOM   104 C "C1'"  . DG  A 1 4  ? -2.201  3.142   -4.574  1.00 75.45  ? 4   DG  A "C1'"  1 
ATOM   105 N N9     . DG  A 1 4  ? -0.935  2.464   -4.901  1.00 56.12  ? 4   DG  A N9     1 
ATOM   106 C C8     . DG  A 1 4  ? -0.441  2.134   -6.141  1.00 49.68  ? 4   DG  A C8     1 
ATOM   107 N N7     . DG  A 1 4  ? 0.741   1.581   -6.092  1.00 51.97  ? 4   DG  A N7     1 
ATOM   108 C C5     . DG  A 1 4  ? 1.034   1.523   -4.738  1.00 50.62  ? 4   DG  A C5     1 
ATOM   109 C C6     . DG  A 1 4  ? 2.152   0.975   -4.060  1.00 48.98  ? 4   DG  A C6     1 
ATOM   110 O O6     . DG  A 1 4  ? 3.142   0.405   -4.536  1.00 56.09  ? 4   DG  A O6     1 
ATOM   111 N N1     . DG  A 1 4  ? 2.015   1.083   -2.679  1.00 56.20  ? 4   DG  A N1     1 
ATOM   112 C C2     . DG  A 1 4  ? 0.957   1.681   -2.037  1.00 51.47  ? 4   DG  A C2     1 
ATOM   113 N N2     . DG  A 1 4  ? 1.020   1.727   -0.701  1.00 55.68  ? 4   DG  A N2     1 
ATOM   114 N N3     . DG  A 1 4  ? -0.097  2.167   -2.652  1.00 54.61  ? 4   DG  A N3     1 
ATOM   115 C C4     . DG  A 1 4  ? 0.001   2.051   -3.991  1.00 50.21  ? 4   DG  A C4     1 
ATOM   116 H "H5'"  . DG  A 1 4  ? -5.029  1.370   -6.415  1.00 83.14  ? 4   DG  A "H5'"  1 
ATOM   117 H "H5''" . DG  A 1 4  ? -6.130  2.752   -6.502  1.00 83.15  ? 4   DG  A "H5''" 1 
ATOM   118 H "H4'"  . DG  A 1 4  ? -5.207  2.912   -4.368  1.00 80.61  ? 4   DG  A "H4'"  1 
ATOM   119 H "H3'"  . DG  A 1 4  ? -4.440  4.930   -6.220  1.00 76.34  ? 4   DG  A "H3'"  1 
ATOM   120 H "H2'"  . DG  A 1 4  ? -2.187  4.343   -6.387  1.00 72.00  ? 4   DG  A "H2'"  1 
ATOM   121 H "H2''" . DG  A 1 4  ? -2.064  5.280   -4.882  1.00 72.04  ? 4   DG  A "H2''" 1 
ATOM   122 H "H1'"  . DG  A 1 4  ? -2.223  3.401   -3.507  1.00 70.43  ? 4   DG  A "H1'"  1 
ATOM   123 H H8     . DG  A 1 4  ? -0.953  2.365   -7.066  1.00 52.00  ? 4   DG  A H8     1 
ATOM   124 H H1     . DG  A 1 4  ? 2.779   0.750   -2.067  1.00 53.42  ? 4   DG  A H1     1 
ATOM   125 H H21    . DG  A 1 4  ? 1.812   1.347   -0.203  1.00 54.31  ? 4   DG  A H21    1 
ATOM   126 H H22    . DG  A 1 4  ? 0.258   2.137   -0.178  1.00 54.31  ? 4   DG  A H22    1 
ATOM   127 P P      . DG  A 1 5  ? -4.404  6.755   -4.052  1.00 84.33  ? 5   DG  A P      1 
ATOM   128 O OP1    . DG  A 1 5  ? -5.683  7.298   -3.555  1.00 91.81  ? 5   DG  A OP1    1 
ATOM   129 O OP2    . DG  A 1 5  ? -3.775  7.278   -5.295  1.00 79.07  ? 5   DG  A OP2    1 
ATOM   130 O "O5'"  . DG  A 1 5  ? -3.372  6.930   -2.866  1.00 80.78  ? 5   DG  A "O5'"  1 
ATOM   131 C "C5'"  . DG  A 1 5  ? -3.647  6.377   -1.573  1.00 82.65  ? 5   DG  A "C5'"  1 
ATOM   132 C "C4'"  . DG  A 1 5  ? -2.494  6.690   -0.649  1.00 86.87  ? 5   DG  A "C4'"  1 
ATOM   133 O "O4'"  . DG  A 1 5  ? -1.385  5.812   -0.965  1.00 77.90  ? 5   DG  A "O4'"  1 
ATOM   134 C "C3'"  . DG  A 1 5  ? -1.955  8.119   -0.784  1.00 81.85  ? 5   DG  A "C3'"  1 
ATOM   135 O "O3'"  . DG  A 1 5  ? -1.588  8.680   0.474   1.00 94.46  ? 5   DG  A "O3'"  1 
ATOM   136 C "C2'"  . DG  A 1 5  ? -0.696  7.948   -1.604  1.00 82.34  ? 5   DG  A "C2'"  1 
ATOM   137 C "C1'"  . DG  A 1 5  ? -0.214  6.591   -1.127  1.00 81.37  ? 5   DG  A "C1'"  1 
ATOM   138 N N9     . DG  A 1 5  ? 0.680   5.885   -2.038  1.00 66.21  ? 5   DG  A N9     1 
ATOM   139 C C8     . DG  A 1 5  ? 0.592   5.782   -3.404  1.00 65.16  ? 5   DG  A C8     1 
ATOM   140 N N7     . DG  A 1 5  ? 1.592   5.133   -3.933  1.00 63.05  ? 5   DG  A N7     1 
ATOM   141 C C5     . DG  A 1 5  ? 2.357   4.742   -2.846  1.00 56.31  ? 5   DG  A C5     1 
ATOM   142 C C6     . DG  A 1 5  ? 3.533   3.969   -2.787  1.00 51.73  ? 5   DG  A C6     1 
ATOM   143 O O6     . DG  A 1 5  ? 4.180   3.475   -3.720  1.00 52.66  ? 5   DG  A O6     1 
ATOM   144 N N1     . DG  A 1 5  ? 3.986   3.827   -1.479  1.00 53.74  ? 5   DG  A N1     1 
ATOM   145 C C2     . DG  A 1 5  ? 3.381   4.360   -0.376  1.00 53.71  ? 5   DG  A C2     1 
ATOM   146 N N2     . DG  A 1 5  ? 3.973   4.117   0.794   1.00 59.06  ? 5   DG  A N2     1 
ATOM   147 N N3     . DG  A 1 5  ? 2.267   5.058   -0.413  1.00 66.96  ? 5   DG  A N3     1 
ATOM   148 C C4     . DG  A 1 5  ? 1.827   5.232   -1.674  1.00 64.48  ? 5   DG  A C4     1 
ATOM   149 H "H5'"  . DG  A 1 5  ? -3.776  5.296   -1.643  1.00 83.15  ? 5   DG  A "H5'"  1 
ATOM   150 H "H5''" . DG  A 1 5  ? -4.567  6.806   -1.169  1.00 83.17  ? 5   DG  A "H5''" 1 
ATOM   151 H "H4'"  . DG  A 1 5  ? -2.815  6.528   0.388   1.00 83.32  ? 5   DG  A "H4'"  1 
ATOM   152 H "H3'"  . DG  A 1 5  ? -2.671  8.758   -1.320  1.00 85.14  ? 5   DG  A "H3'"  1 
ATOM   153 H "H2'"  . DG  A 1 5  ? -0.918  7.979   -2.671  1.00 81.89  ? 5   DG  A "H2'"  1 
ATOM   154 H "H2''" . DG  A 1 5  ? -0.003  8.738   -1.329  1.00 81.98  ? 5   DG  A "H2''" 1 
ATOM   155 H "H1'"  . DG  A 1 5  ? 0.266   6.733   -0.148  1.00 77.72  ? 5   DG  A "H1'"  1 
ATOM   156 H H8     . DG  A 1 5  ? -0.190  6.243   -3.991  1.00 64.19  ? 5   DG  A H8     1 
ATOM   157 H H1     . DG  A 1 5  ? 4.858   3.309   -1.308  1.00 54.21  ? 5   DG  A H1     1 
ATOM   158 H H21    . DG  A 1 5  ? 4.822   3.573   0.848   1.00 57.87  ? 5   DG  A H21    1 
ATOM   159 H H22    . DG  A 1 5  ? 3.561   4.473   1.646   1.00 57.88  ? 5   DG  A H22    1 
ATOM   160 P P      . DT  A 1 6  ? -2.382  9.952   1.033   1.00 94.33  ? 6   DT  A P      1 
ATOM   161 O OP1    . DT  A 1 6  ? -2.363  11.021  -0.016  1.00 75.02  ? 6   DT  A OP1    1 
ATOM   162 O OP2    . DT  A 1 6  ? -1.912  10.215  2.416   1.00 92.97  ? 6   DT  A OP2    1 
ATOM   163 O "O5'"  . DT  A 1 6  ? -3.872  9.406   1.119   1.00 100.78 ? 6   DT  A "O5'"  1 
ATOM   164 C "C5'"  . DT  A 1 6  ? -4.338  8.682   2.269   1.00 103.37 ? 6   DT  A "C5'"  1 
ATOM   165 C "C4'"  . DT  A 1 6  ? -5.842  8.579   2.194   1.00 102.73 ? 6   DT  A "C4'"  1 
ATOM   166 O "O4'"  . DT  A 1 6  ? -6.208  7.567   1.229   1.00 94.75  ? 6   DT  A "O4'"  1 
ATOM   167 C "C3'"  . DT  A 1 6  ? -6.513  8.182   3.511   1.00 106.10 ? 6   DT  A "C3'"  1 
ATOM   168 O "O3'"  . DT  A 1 6  ? -7.062  9.332   4.201   1.00 111.01 ? 6   DT  A "O3'"  1 
ATOM   169 C "C2'"  . DT  A 1 6  ? -7.571  7.170   3.090   1.00 105.68 ? 6   DT  A "C2'"  1 
ATOM   170 C "C1'"  . DT  A 1 6  ? -7.488  7.085   1.569   1.00 102.91 ? 6   DT  A "C1'"  1 
ATOM   171 N N1     . DT  A 1 6  ? -7.588  5.689   0.994   0.00 174.74 ? 6   DT  A N1     1 
ATOM   172 C C2     . DT  A 1 6  ? -8.779  5.254   0.456   0.00 182.23 ? 6   DT  A C2     1 
ATOM   173 O O2     . DT  A 1 6  ? -9.776  5.955   0.392   0.00 187.73 ? 6   DT  A O2     1 
ATOM   174 N N3     . DT  A 1 6  ? -8.763  3.960   -0.007  0.00 175.98 ? 6   DT  A N3     1 
ATOM   175 C C4     . DT  A 1 6  ? -7.695  3.082   0.015   0.00 171.84 ? 6   DT  A C4     1 
ATOM   176 O O4     . DT  A 1 6  ? -7.827  1.947   -0.438  0.00 159.95 ? 6   DT  A O4     1 
ATOM   177 C C5     . DT  A 1 6  ? -6.475  3.604   0.594   0.00 174.96 ? 6   DT  A C5     1 
ATOM   178 C C7     . DT  A 1 6  ? -5.268  2.724   0.660   0.00 175.16 ? 6   DT  A C7     1 
ATOM   179 C C6     . DT  A 1 6  ? -6.482  4.865   1.048   0.00 176.01 ? 6   DT  A C6     1 
ATOM   180 H "H5'"  . DT  A 1 6  ? -4.061  9.198   3.188   1.00 102.56 ? 6   DT  A "H5'"  1 
ATOM   181 H "H5''" . DT  A 1 6  ? -3.896  7.684   2.286   1.00 102.58 ? 6   DT  A "H5''" 1 
ATOM   182 H "H4'"  . DT  A 1 6  ? -6.243  9.553   1.879   1.00 101.89 ? 6   DT  A "H4'"  1 
ATOM   183 H "H3'"  . DT  A 1 6  ? -5.780  7.657   4.139   1.00 106.24 ? 6   DT  A "H3'"  1 
ATOM   184 H "H2'"  . DT  A 1 6  ? -7.354  6.206   3.532   1.00 105.10 ? 6   DT  A "H2'"  1 
ATOM   185 H "H2''" . DT  A 1 6  ? -8.556  7.489   3.407   1.00 105.10 ? 6   DT  A "H2''" 1 
ATOM   186 H "H1'"  . DT  A 1 6  ? -8.254  7.749   1.143   1.00 101.55 ? 6   DT  A "H1'"  1 
ATOM   187 H H3     . DT  A 1 6  ? -9.675  3.660   -0.406  0.00 175.98 ? 6   DT  A H3     1 
ATOM   188 H H71    . DT  A 1 6  ? -5.521  1.752   0.325   0.00 175.16 ? 6   DT  A H71    1 
ATOM   189 H H72    . DT  A 1 6  ? -4.506  3.124   0.043   0.00 175.16 ? 6   DT  A H72    1 
ATOM   190 H H73    . DT  A 1 6  ? -4.923  2.674   1.660   0.00 175.16 ? 6   DT  A H73    1 
ATOM   191 H H6     . DT  A 1 6  ? -5.559  5.228   1.473   0.00 176.01 ? 6   DT  A H6     1 
ATOM   192 P P      . DT  A 1 7  ? -6.399  9.919   5.586   1.00 100.15 ? 7   DT  A P      1 
ATOM   193 O OP1    . DT  A 1 7  ? -6.755  11.350  5.697   1.00 97.68  ? 7   DT  A OP1    1 
ATOM   194 O OP2    . DT  A 1 7  ? -4.982  9.507   5.652   1.00 100.04 ? 7   DT  A OP2    1 
ATOM   195 O "O5'"  . DT  A 1 7  ? -7.225  9.193   6.740   1.00 101.19 ? 7   DT  A "O5'"  1 
ATOM   196 C "C5'"  . DT  A 1 7  ? -6.613  8.851   7.992   1.00 100.42 ? 7   DT  A "C5'"  1 
ATOM   197 C "C4'"  . DT  A 1 7  ? -6.897  7.408   8.333   1.00 102.06 ? 7   DT  A "C4'"  1 
ATOM   198 O "O4'"  . DT  A 1 7  ? -8.300  7.299   8.655   1.00 112.07 ? 7   DT  A "O4'"  1 
ATOM   199 C "C3'"  . DT  A 1 7  ? -6.644  6.399   7.211   1.00 106.30 ? 7   DT  A "C3'"  1 
ATOM   200 O "O3'"  . DT  A 1 7  ? -6.146  5.168   7.761   1.00 102.19 ? 7   DT  A "O3'"  1 
ATOM   201 C "C2'"  . DT  A 1 7  ? -8.015  6.236   6.583   1.00 109.71 ? 7   DT  A "C2'"  1 
ATOM   202 C "C1'"  . DT  A 1 7  ? -8.934  6.378   7.780   1.00 114.28 ? 7   DT  A "C1'"  1 
ATOM   203 N N1     . DT  A 1 7  ? -10.289 6.890   7.473   1.00 114.79 ? 7   DT  A N1     1 
ATOM   204 C C2     . DT  A 1 7  ? -11.288 5.973   7.230   1.00 128.24 ? 7   DT  A C2     1 
ATOM   205 O O2     . DT  A 1 7  ? -11.107 4.767   7.260   1.00 135.99 ? 7   DT  A O2     1 
ATOM   206 N N3     . DT  A 1 7  ? -12.517 6.521   6.959   1.00 111.24 ? 7   DT  A N3     1 
ATOM   207 C C4     . DT  A 1 7  ? -12.836 7.864   6.900   1.00 96.76  ? 7   DT  A C4     1 
ATOM   208 O O4     . DT  A 1 7  ? -13.982 8.205   6.629   1.00 86.16  ? 7   DT  A O4     1 
ATOM   209 C C5     . DT  A 1 7  ? -11.737 8.771   7.152   1.00 103.90 ? 7   DT  A C5     1 
ATOM   210 C C7     . DT  A 1 7  ? -11.982 10.246  7.095   1.00 109.78 ? 7   DT  A C7     1 
ATOM   211 C C6     . DT  A 1 7  ? -10.535 8.246   7.419   1.00 112.89 ? 7   DT  A C6     1 
ATOM   212 H "H5'"  . DT  A 1 7  ? -7.029  9.488   8.775   1.00 100.97 ? 7   DT  A "H5'"  1 
ATOM   213 H "H5''" . DT  A 1 7  ? -5.535  9.012   7.979   1.00 100.97 ? 7   DT  A "H5''" 1 
ATOM   214 H "H4'"  . DT  A 1 7  ? -6.293  7.129   9.207   1.00 104.37 ? 7   DT  A "H4'"  1 
ATOM   215 H "H3'"  . DT  A 1 7  ? -5.950  6.851   6.488   1.00 105.26 ? 7   DT  A "H3'"  1 
ATOM   216 H "H2'"  . DT  A 1 7  ? -8.213  7.014   5.845   1.00 109.89 ? 7   DT  A "H2'"  1 
ATOM   217 H "H2''" . DT  A 1 7  ? -8.175  5.265   6.128   1.00 109.86 ? 7   DT  A "H2''" 1 
ATOM   218 H "H1'"  . DT  A 1 7  ? -8.982  5.402   8.280   1.00 113.12 ? 7   DT  A "H1'"  1 
ATOM   219 H H3     . DT  A 1 7  ? -13.290 5.857   6.773   1.00 111.23 ? 7   DT  A H3     1 
ATOM   220 H H71    . DT  A 1 7  ? -12.584 10.473  6.255   1.00 107.87 ? 7   DT  A H71    1 
ATOM   221 H H72    . DT  A 1 7  ? -12.464 10.562  7.982   1.00 107.91 ? 7   DT  A H72    1 
ATOM   222 H H73    . DT  A 1 7  ? -11.058 10.756  7.002   1.00 107.92 ? 7   DT  A H73    1 
ATOM   223 H H6     . DT  A 1 7  ? -9.727  8.938   7.610   1.00 111.06 ? 7   DT  A H6     1 
ATOM   224 P P      A DA  A 1 8  ? -5.503  4.053   6.802   0.50 104.77 ? 8   DA  A P      1 
ATOM   225 P P      B DA  A 1 8  ? -5.418  4.086   6.831   0.50 101.48 ? 8   DA  A P      1 
ATOM   226 O OP1    A DA  A 1 8  ? -4.473  3.323   7.580   0.50 104.28 ? 8   DA  A OP1    1 
ATOM   227 O OP1    B DA  A 1 8  ? -4.892  3.007   7.708   0.50 99.64  ? 8   DA  A OP1    1 
ATOM   228 O OP2    A DA  A 1 8  ? -5.158  4.679   5.500   0.50 95.26  ? 8   DA  A OP2    1 
ATOM   229 O OP2    B DA  A 1 8  ? -4.517  4.799   5.893   0.50 97.03  ? 8   DA  A OP2    1 
ATOM   230 O "O5'"  A DA  A 1 8  ? -6.697  3.032   6.549   0.50 108.38 ? 8   DA  A "O5'"  1 
ATOM   231 O "O5'"  B DA  A 1 8  ? -6.606  3.457   5.980   0.50 99.78  ? 8   DA  A "O5'"  1 
ATOM   232 C "C5'"  A DA  A 1 8  ? -6.433  1.621   6.487   0.50 108.51 ? 8   DA  A "C5'"  1 
ATOM   233 C "C5'"  B DA  A 1 8  ? -6.625  3.585   4.551   0.50 102.91 ? 8   DA  A "C5'"  1 
ATOM   234 C "C4'"  A DA  A 1 8  ? -6.864  1.061   5.153   0.50 113.17 ? 8   DA  A "C4'"  1 
ATOM   235 C "C4'"  B DA  A 1 8  ? -7.198  2.332   3.936   0.50 107.42 ? 8   DA  A "C4'"  1 
ATOM   236 O "O4'"  A DA  A 1 8  ? -8.261  1.352   4.913   0.50 113.69 ? 8   DA  A "O4'"  1 
ATOM   237 O "O4'"  B DA  A 1 8  ? -8.557  2.563   3.510   0.50 103.42 ? 8   DA  A "O4'"  1 
ATOM   238 C "C3'"  A DA  A 1 8  ? -6.123  1.599   3.922   0.50 119.58 ? 8   DA  A "C3'"  1 
ATOM   239 C "C3'"  B DA  A 1 8  ? -6.449  1.823   2.700   0.50 110.56 ? 8   DA  A "C3'"  1 
ATOM   240 O "O3'"  A DA  A 1 8  ? -5.962  0.497   3.016   0.50 122.63 ? 8   DA  A "O3'"  1 
ATOM   241 O "O3'"  B DA  A 1 8  ? -5.951  0.511   2.990   0.50 118.08 ? 8   DA  A "O3'"  1 
ATOM   242 C "C2'"  A DA  A 1 8  ? -7.129  2.555   3.300   0.50 116.61 ? 8   DA  A "C2'"  1 
ATOM   243 C "C2'"  B DA  A 1 8  ? -7.498  1.835   1.597   0.50 106.45 ? 8   DA  A "C2'"  1 
ATOM   244 C "C1'"  A DA  A 1 8  ? -8.361  1.723   3.548   0.50 114.33 ? 8   DA  A "C1'"  1 
ATOM   245 C "C1'"  B DA  A 1 8  ? -8.773  1.724   2.400   0.50 106.91 ? 8   DA  A "C1'"  1 
ATOM   246 N N9     A DA  A 1 8  ? -9.698  2.265   3.311   0.50 109.56 ? 8   DA  A N9     1 
ATOM   247 N N9     B DA  A 1 8  ? -10.010 2.147   1.750   0.50 110.91 ? 8   DA  A N9     1 
ATOM   248 C C8     A DA  A 1 8  ? -10.257 2.685   2.130   0.50 108.87 ? 8   DA  A C8     1 
ATOM   249 C C8     B DA  A 1 8  ? -10.737 3.279   2.015   0.50 114.53 ? 8   DA  A C8     1 
ATOM   250 N N7     A DA  A 1 8  ? -11.526 3.000   2.229   0.50 113.42 ? 8   DA  A N7     1 
ATOM   251 N N7     B DA  A 1 8  ? -11.830 3.384   1.298   0.50 114.44 ? 8   DA  A N7     1 
ATOM   252 C C5     A DA  A 1 8  ? -11.834 2.724   3.555   0.50 101.94 ? 8   DA  A C5     1 
ATOM   253 C C5     B DA  A 1 8  ? -11.832 2.235   0.521   0.50 109.43 ? 8   DA  A C5     1 
ATOM   254 C C6     A DA  A 1 8  ? -13.022 2.840   4.295   0.50 92.22  ? 8   DA  A C6     1 
ATOM   255 C C6     B DA  A 1 8  ? -12.724 1.754   -0.449  0.50 111.34 ? 8   DA  A C6     1 
ATOM   256 N N6     A DA  A 1 8  ? -14.173 3.297   3.791   0.50 79.99  ? 8   DA  A N6     1 
ATOM   257 N N6     B DA  A 1 8  ? -13.832 2.397   -0.822  0.50 111.61 ? 8   DA  A N6     1 
ATOM   258 N N1     A DA  A 1 8  ? -12.987 2.480   5.595   0.50 107.60 ? 8   DA  A N1     1 
ATOM   259 N N1     B DA  A 1 8  ? -12.435 0.570   -1.035  0.50 118.84 ? 8   DA  A N1     1 
ATOM   260 C C2     A DA  A 1 8  ? -11.834 2.032   6.109   0.50 106.59 ? 8   DA  A C2     1 
ATOM   261 C C2     B DA  A 1 8  ? -11.322 -0.074  -0.664  0.50 118.27 ? 8   DA  A C2     1 
ATOM   262 N N3     A DA  A 1 8  ? -10.657 1.875   5.514   0.50 108.24 ? 8   DA  A N3     1 
ATOM   263 N N3     B DA  A 1 8  ? -10.405 0.279   0.235   0.50 115.27 ? 8   DA  A N3     1 
ATOM   264 C C4     A DA  A 1 8  ? -10.724 2.247   4.224   0.50 105.26 ? 8   DA  A C4     1 
ATOM   265 C C4     B DA  A 1 8  ? -10.724 1.457   0.799   0.50 112.73 ? 8   DA  A C4     1 
ATOM   266 H "H5'"  A DA  A 1 8  ? -6.971  1.113   7.289   0.50 109.54 ? 8   DA  A "H5'"  1 
ATOM   267 H "H5'"  B DA  A 1 8  ? -5.616  3.767   4.173   0.50 103.19 ? 8   DA  A "H5'"  1 
ATOM   268 H "H5''" A DA  A 1 8  ? -5.365  1.443   6.632   0.50 109.54 ? 8   DA  A "H5''" 1 
ATOM   269 H "H5''" B DA  A 1 8  ? -7.258  4.417   4.267   0.50 103.21 ? 8   DA  A "H5''" 1 
ATOM   270 H "H4'"  A DA  A 1 8  ? -6.723  -0.029  5.182   0.50 113.54 ? 8   DA  A "H4'"  1 
ATOM   271 H "H4'"  B DA  A 1 8  ? -7.183  1.540   4.697   0.50 106.35 ? 8   DA  A "H4'"  1 
ATOM   272 H "H3'"  A DA  A 1 8  ? -5.197  2.115   4.211   0.50 118.38 ? 8   DA  A "H3'"  1 
ATOM   273 H "H3'"  B DA  A 1 8  ? -5.650  2.532   2.445   0.50 110.61 ? 8   DA  A "H3'"  1 
ATOM   274 H "H2'"  A DA  A 1 8  ? -7.168  3.510   3.828   0.50 116.74 ? 8   DA  A "H2'"  1 
ATOM   275 H "H2'"  B DA  A 1 8  ? -7.466  2.767   1.028   0.50 107.50 ? 8   DA  A "H2'"  1 
ATOM   276 H "H2''" A DA  A 1 8  ? -6.946  2.706   2.236   0.50 116.74 ? 8   DA  A "H2''" 1 
ATOM   277 H "H2''" B DA  A 1 8  ? -7.377  0.983   0.924   0.50 107.50 ? 8   DA  A "H2''" 1 
ATOM   278 H "H1'"  A DA  A 1 8  ? -8.255  0.815   2.940   0.50 113.70 ? 8   DA  A "H1'"  1 
ATOM   279 H "H1'"  B DA  A 1 8  ? -8.863  0.681   2.730   0.50 106.88 ? 8   DA  A "H1'"  1 
ATOM   280 H H8     A DA  A 1 8  ? -9.695  2.778   1.209   0.50 108.83 ? 8   DA  A H8     1 
ATOM   281 H H8     B DA  A 1 8  ? -10.421 4.017   2.742   0.50 113.57 ? 8   DA  A H8     1 
ATOM   282 H H61    A DA  A 1 8  ? -14.244 3.574   2.832   0.50 86.54  ? 8   DA  A H61    1 
ATOM   283 H H61    B DA  A 1 8  ? -14.068 3.283   -0.397  0.50 111.79 ? 8   DA  A H61    1 
ATOM   284 H H62    A DA  A 1 8  ? -14.985 3.360   4.388   0.50 86.54  ? 8   DA  A H62    1 
ATOM   285 H H62    B DA  A 1 8  ? -14.435 1.999   -1.527  0.50 111.79 ? 8   DA  A H62    1 
ATOM   286 H H2     A DA  A 1 8  ? -11.867 1.757   7.156   0.50 106.40 ? 8   DA  A H2     1 
ATOM   287 H H2     B DA  A 1 8  ? -11.141 -1.016  -1.167  0.50 117.03 ? 8   DA  A H2     1 
ATOM   288 P P      . DG  A 1 9  ? -4.522  0.075   2.449   1.00 134.27 ? 9   DG  A P      1 
ATOM   289 O OP1    . DG  A 1 9  ? -3.565  1.167   2.743   1.00 134.57 ? 9   DG  A OP1    1 
ATOM   290 O OP2    . DG  A 1 9  ? -4.702  -0.377  1.045   1.00 125.60 ? 9   DG  A OP2    1 
ATOM   291 O "O5'"  . DG  A 1 9  ? -4.137  -1.197  3.337   1.00 115.35 ? 9   DG  A "O5'"  1 
ATOM   292 C "C5'"  . DG  A 1 9  ? -3.509  -1.076  4.631   1.00 91.19  ? 9   DG  A "C5'"  1 
ATOM   293 C "C4'"  . DG  A 1 9  ? -1.993  -1.050  4.567   1.00 85.70  ? 9   DG  A "C4'"  1 
ATOM   294 O "O4'"  . DG  A 1 9  ? -1.387  -1.643  3.381   1.00 72.31  ? 9   DG  A "O4'"  1 
ATOM   295 C "C3'"  . DG  A 1 9  ? -1.350  0.336   4.727   1.00 76.91  ? 9   DG  A "C3'"  1 
ATOM   296 O "O3'"  . DG  A 1 9  ? -0.634  0.309   5.956   1.00 81.87  ? 9   DG  A "O3'"  1 
ATOM   297 C "C2'"  . DG  A 1 9  ? -0.422  0.462   3.525   1.00 72.88  ? 9   DG  A "C2'"  1 
ATOM   298 C "C1'"  . DG  A 1 9  ? -0.123  -0.985  3.196   1.00 74.75  ? 9   DG  A "C1'"  1 
ATOM   299 N N9     . DG  A 1 9  ? 0.321   -1.223  1.822   1.00 58.40  ? 9   DG  A N9     1 
ATOM   300 C C8     . DG  A 1 9  ? -0.429  -0.983  0.700   1.00 54.70  ? 9   DG  A C8     1 
ATOM   301 N N7     . DG  A 1 9  ? 0.173   -1.330  -0.402  1.00 62.83  ? 9   DG  A N7     1 
ATOM   302 C C5     . DG  A 1 9  ? 1.400   -1.824  0.016   1.00 50.51  ? 9   DG  A C5     1 
ATOM   303 C C6     . DG  A 1 9  ? 2.457   -2.376  -0.729  1.00 47.01  ? 9   DG  A C6     1 
ATOM   304 O O6     . DG  A 1 9  ? 2.555   -2.487  -1.945  1.00 52.20  ? 9   DG  A O6     1 
ATOM   305 N N1     . DG  A 1 9  ? 3.501   -2.790  0.085   1.00 42.73  ? 9   DG  A N1     1 
ATOM   306 C C2     . DG  A 1 9  ? 3.525   -2.664  1.452   1.00 47.80  ? 9   DG  A C2     1 
ATOM   307 N N2     . DG  A 1 9  ? 4.636   -3.085  2.061   1.00 53.12  ? 9   DG  A N2     1 
ATOM   308 N N3     . DG  A 1 9  ? 2.546   -2.146  2.159   1.00 52.29  ? 9   DG  A N3     1 
ATOM   309 C C4     . DG  A 1 9  ? 1.503   -1.781  1.385   1.00 51.90  ? 9   DG  A C4     1 
ATOM   310 H "H5'"  . DG  A 1 9  ? -3.815  -1.924  5.245   1.00 94.99  ? 9   DG  A "H5'"  1 
ATOM   311 H "H5''" . DG  A 1 9  ? -3.878  -0.175  5.126   1.00 95.00  ? 9   DG  A "H5''" 1 
ATOM   312 H "H4'"  . DG  A 1 9  ? -1.661  -1.657  5.422   1.00 82.23  ? 9   DG  A "H4'"  1 
ATOM   313 H "H3'"  . DG  A 1 9  ? -2.098  1.138   4.730   1.00 78.75  ? 9   DG  A "H3'"  1 
ATOM   314 H "H2'"  . DG  A 1 9  ? -0.940  0.945   2.695   1.00 74.28  ? 9   DG  A "H2'"  1 
ATOM   315 H "H2''" . DG  A 1 9  ? 0.494   1.013   3.722   1.00 74.23  ? 9   DG  A "H2''" 1 
ATOM   316 H "H1'"  . DG  A 1 9  ? 0.611   -1.371  3.915   1.00 70.46  ? 9   DG  A "H1'"  1 
ATOM   317 H H8     . DG  A 1 9  ? -1.425  -0.559  0.727   1.00 56.65  ? 9   DG  A H8     1 
ATOM   318 H H1     . DG  A 1 9  ? 4.353   -3.161  -0.359  1.00 45.98  ? 9   DG  A H1     1 
ATOM   319 H H21    . DG  A 1 9  ? 5.404   -3.468  1.536   1.00 51.71  ? 9   DG  A H21    1 
ATOM   320 H H22    . DG  A 1 9  ? 4.699   -3.046  3.070   1.00 51.71  ? 9   DG  A H22    1 
ATOM   321 P P      . DG  A 1 10 ? 0.265   1.541   6.412   1.00 89.11  ? 10  DG  A P      1 
ATOM   322 O OP1    . DG  A 1 10 ? 0.327   1.519   7.889   1.00 87.95  ? 10  DG  A OP1    1 
ATOM   323 O OP2    . DG  A 1 10 ? -0.187  2.750   5.691   1.00 76.86  ? 10  DG  A OP2    1 
ATOM   324 O "O5'"  . DG  A 1 10 ? 1.713   1.175   5.865   1.00 83.67  ? 10  DG  A "O5'"  1 
ATOM   325 C "C5'"  . DG  A 1 10 ? 2.423   0.013   6.329   1.00 84.43  ? 10  DG  A "C5'"  1 
ATOM   326 C "C4'"  . DG  A 1 10 ? 3.918   0.234   6.248   1.00 83.73  ? 10  DG  A "C4'"  1 
ATOM   327 O "O4'"  . DG  A 1 10 ? 4.413   -0.115  4.931   1.00 76.44  ? 10  DG  A "O4'"  1 
ATOM   328 C "C3'"  . DG  A 1 10 ? 4.397   1.665   6.493   1.00 86.66  ? 10  DG  A "C3'"  1 
ATOM   329 O "O3'"  . DG  A 1 10 ? 5.651   1.541   7.178   1.00 94.62  ? 10  DG  A "O3'"  1 
ATOM   330 C "C2'"  . DG  A 1 10 ? 4.490   2.235   5.085   1.00 79.72  ? 10  DG  A "C2'"  1 
ATOM   331 C "C1'"  . DG  A 1 10 ? 4.993   1.029   4.302   1.00 74.30  ? 10  DG  A "C1'"  1 
ATOM   332 N N9     . DG  A 1 10 ? 4.633   0.974   2.888   1.00 57.87  ? 10  DG  A N9     1 
ATOM   333 C C8     . DG  A 1 10 ? 3.425   1.306   2.332   1.00 53.64  ? 10  DG  A C8     1 
ATOM   334 N N7     . DG  A 1 10 ? 3.380   1.104   1.047   1.00 61.55  ? 10  DG  A N7     1 
ATOM   335 C C5     . DG  A 1 10 ? 4.625   0.579   0.742   1.00 53.93  ? 10  DG  A C5     1 
ATOM   336 C C6     . DG  A 1 10 ? 5.146   0.146   -0.484  1.00 52.08  ? 10  DG  A C6     1 
ATOM   337 O O6     . DG  A 1 10 ? 4.588   0.126   -1.587  1.00 50.21  ? 10  DG  A O6     1 
ATOM   338 N N1     . DG  A 1 10 ? 6.455   -0.305  -0.355  1.00 53.02  ? 10  DG  A N1     1 
ATOM   339 C C2     . DG  A 1 10 ? 7.173   -0.314  0.818   1.00 51.29  ? 10  DG  A C2     1 
ATOM   340 N N2     . DG  A 1 10 ? 8.414   -0.804  0.750   1.00 54.92  ? 10  DG  A N2     1 
ATOM   341 N N3     . DG  A 1 10 ? 6.674   0.039   1.982   1.00 51.17  ? 10  DG  A N3     1 
ATOM   342 C C4     . DG  A 1 10 ? 5.401   0.472   1.872   1.00 52.99  ? 10  DG  A C4     1 
ATOM   343 H "H5'"  . DG  A 1 10 ? 2.151   -0.847  5.713   1.00 84.07  ? 10  DG  A "H5'"  1 
ATOM   344 H "H5''" . DG  A 1 10 ? 2.151   -0.217  7.361   1.00 84.08  ? 10  DG  A "H5''" 1 
ATOM   345 H "H4'"  . DG  A 1 10 ? 4.388   -0.426  6.991   1.00 82.97  ? 10  DG  A "H4'"  1 
ATOM   346 H "H3'"  . DG  A 1 10 ? 3.673   2.229   7.098   1.00 86.15  ? 10  DG  A "H3'"  1 
ATOM   347 H "H2'"  . DG  A 1 10 ? 3.517   2.585   4.744   1.00 79.83  ? 10  DG  A "H2'"  1 
ATOM   348 H "H2''" . DG  A 1 10 ? 5.201   3.056   4.996   1.00 79.96  ? 10  DG  A "H2''" 1 
ATOM   349 H "H1'"  . DG  A 1 10 ? 6.085   0.990   4.414   1.00 72.12  ? 10  DG  A "H1'"  1 
ATOM   350 H H8     . DG  A 1 10 ? 2.589   1.697   2.895   1.00 56.23  ? 10  DG  A H8     1 
ATOM   351 H H1     . DG  A 1 10 ? 6.970   -0.645  -1.179  1.00 52.75  ? 10  DG  A H1     1 
ATOM   352 H H21    . DG  A 1 10 ? 8.801   -1.114  -0.127  1.00 54.00  ? 10  DG  A H21    1 
ATOM   353 H H22    . DG  A 1 10 ? 8.974   -0.866  1.588   1.00 54.00  ? 10  DG  A H22    1 
ATOM   354 P P      . DG  A 1 11 ? 6.568   2.825   7.474   1.00 98.36  ? 11  DG  A P      1 
ATOM   355 O OP1    . DG  A 1 11 ? 7.221   2.603   8.775   1.00 106.80 ? 11  DG  A OP1    1 
ATOM   356 O OP2    . DG  A 1 11 ? 5.778   4.074   7.217   1.00 85.60  ? 11  DG  A OP2    1 
ATOM   357 O "O5'"  . DG  A 1 11 ? 7.711   2.708   6.379   1.00 90.21  ? 11  DG  A "O5'"  1 
ATOM   358 C "C5'"  . DG  A 1 11 ? 8.611   1.596   6.319   1.00 85.13  ? 11  DG  A "C5'"  1 
ATOM   359 C "C4'"  . DG  A 1 11 ? 9.751   1.959   5.392   1.00 99.84  ? 11  DG  A "C4'"  1 
ATOM   360 O "O4'"  . DG  A 1 11 ? 9.320   1.839   4.017   1.00 90.16  ? 11  DG  A "O4'"  1 
ATOM   361 C "C3'"  . DG  A 1 11 ? 10.282  3.394   5.535   1.00 109.95 ? 11  DG  A "C3'"  1 
ATOM   362 O "O3'"  . DG  A 1 11 ? 11.716  3.409   5.511   1.00 121.67 ? 11  DG  A "O3'"  1 
ATOM   363 C "C2'"  . DG  A 1 11 ? 9.661   4.137   4.364   1.00 100.48 ? 11  DG  A "C2'"  1 
ATOM   364 C "C1'"  . DG  A 1 11 ? 9.613   3.047   3.322   1.00 85.82  ? 11  DG  A "C1'"  1 
ATOM   365 N N9     . DG  A 1 11 ? 8.625   3.178   2.268   1.00 66.97  ? 11  DG  A N9     1 
ATOM   366 C C8     . DG  A 1 11 ? 7.331   3.634   2.331   1.00 56.01  ? 11  DG  A C8     1 
ATOM   367 N N7     . DG  A 1 11 ? 6.706   3.550   1.189   1.00 61.92  ? 11  DG  A N7     1 
ATOM   368 C C5     . DG  A 1 11 ? 7.634   2.970   0.336   1.00 57.00  ? 11  DG  A C5     1 
ATOM   369 C C6     . DG  A 1 11 ? 7.530   2.602   -1.021  1.00 43.54  ? 11  DG  A C6     1 
ATOM   370 O O6     . DG  A 1 11 ? 6.567   2.741   -1.791  1.00 55.20  ? 11  DG  A O6     1 
ATOM   371 N N1     . DG  A 1 11 ? 8.734   2.111   -1.507  1.00 54.79  ? 11  DG  A N1     1 
ATOM   372 C C2     . DG  A 1 11 ? 9.877   1.947   -0.769  1.00 52.67  ? 11  DG  A C2     1 
ATOM   373 N N2     . DG  A 1 11 ? 10.931  1.421   -1.406  1.00 58.05  ? 11  DG  A N2     1 
ATOM   374 N N3     . DG  A 1 11 ? 9.971   2.236   0.505   1.00 67.68  ? 11  DG  A N3     1 
ATOM   375 C C4     . DG  A 1 11 ? 8.827   2.755   0.987   1.00 57.36  ? 11  DG  A C4     1 
ATOM   376 H "H5'"  . DG  A 1 11 ? 8.090   0.716   5.937   1.00 89.60  ? 11  DG  A "H5'"  1 
ATOM   377 H "H5''" . DG  A 1 11 ? 9.002   1.359   7.310   1.00 89.68  ? 11  DG  A "H5''" 1 
ATOM   378 H "H4'"  . DG  A 1 11 ? 10.580  1.260   5.577   1.00 96.79  ? 11  DG  A "H4'"  1 
ATOM   379 H "H3'"  . DG  A 1 11 ? 9.881   3.883   6.419   1.00 108.21 ? 11  DG  A "H3'"  1 
ATOM   380 H "H2'"  . DG  A 1 11 ? 8.671   4.515   4.620   1.00 98.63  ? 11  DG  A "H2'"  1 
ATOM   381 H "H2''" . DG  A 1 11 ? 10.302  4.959   4.042   1.00 98.83  ? 11  DG  A "H2''" 1 
ATOM   382 H "H1'"  . DG  A 1 11 ? 10.620  2.974   2.891   1.00 85.03  ? 11  DG  A "H1'"  1 
ATOM   383 H H8     . DG  A 1 11 ? 6.866   4.004   3.235   1.00 59.60  ? 11  DG  A H8     1 
ATOM   384 H H1     . DG  A 1 11 ? 8.814   1.833   -2.499  1.00 52.44  ? 11  DG  A H1     1 
ATOM   385 H H21    . DG  A 1 11 ? 10.882  1.165   -2.381  1.00 56.72  ? 11  DG  A H21    1 
ATOM   386 H H22    . DG  A 1 11 ? 11.783  1.257   -0.889  1.00 56.72  ? 11  DG  A H22    1 
ATOM   387 P P      . DT  A 1 12 ? 12.537  4.054   6.728   1.00 114.74 ? 12  DT  A P      1 
ATOM   388 O OP1    . DT  A 1 12 ? 12.231  5.511   6.742   1.00 106.82 ? 12  DT  A OP1    1 
ATOM   389 O OP2    . DT  A 1 12 ? 13.948  3.594   6.598   1.00 106.38 ? 12  DT  A OP2    1 
ATOM   390 O "O5'"  . DT  A 1 12 ? 11.920  3.342   8.025   1.00 114.73 ? 12  DT  A "O5'"  1 
ATOM   391 C "C5'"  . DT  A 1 12 ? 10.726  3.832   8.708   1.00 119.63 ? 12  DT  A "C5'"  1 
ATOM   392 C "C4'"  . DT  A 1 12 ? 10.741  3.519   10.188  1.00 130.96 ? 12  DT  A "C4'"  1 
ATOM   393 O "O4'"  . DT  A 1 12 ? 12.079  3.680   10.702  1.00 145.78 ? 12  DT  A "O4'"  1 
ATOM   394 C "C3'"  . DT  A 1 12 ? 9.877   4.446   11.042  1.00 135.48 ? 12  DT  A "C3'"  1 
ATOM   395 O "O3'"  . DT  A 1 12 ? 9.490   3.847   12.284  1.00 124.12 ? 12  DT  A "O3'"  1 
ATOM   396 C "C2'"  . DT  A 1 12 ? 10.821  5.591   11.339  1.00 141.83 ? 12  DT  A "C2'"  1 
ATOM   397 C "C1'"  . DT  A 1 12 ? 12.159  4.874   11.471  1.00 149.39 ? 12  DT  A "C1'"  1 
ATOM   398 N N1     . DT  A 1 12 ? 13.296  5.664   10.978  1.00 158.29 ? 12  DT  A N1     1 
ATOM   399 C C2     . DT  A 1 12 ? 13.759  6.647   11.817  1.00 157.18 ? 12  DT  A C2     1 
ATOM   400 O O2     . DT  A 1 12 ? 13.278  6.863   12.918  1.00 139.95 ? 12  DT  A O2     1 
ATOM   401 N N3     . DT  A 1 12 ? 14.812  7.372   11.322  1.00 167.00 ? 12  DT  A N3     1 
ATOM   402 C C4     . DT  A 1 12 ? 15.434  7.212   10.095  1.00 173.88 ? 12  DT  A C4     1 
ATOM   403 O O4     . DT  A 1 12 ? 16.385  7.924   9.795   1.00 185.83 ? 12  DT  A O4     1 
ATOM   404 C C5     . DT  A 1 12 ? 14.895  6.164   9.262   1.00 165.17 ? 12  DT  A C5     1 
ATOM   405 C C7     . DT  A 1 12 ? 15.507  5.916   7.918   1.00 153.87 ? 12  DT  A C7     1 
ATOM   406 C C6     . DT  A 1 12 ? 13.862  5.455   9.736   1.00 164.73 ? 12  DT  A C6     1 
ATOM   407 H "H5'"  . DT  A 1 12 ? 9.843   3.332   8.313   1.00 120.84 ? 12  DT  A "H5'"  1 
ATOM   408 H "H5''" . DT  A 1 12 ? 10.602  4.906   8.562   1.00 120.96 ? 12  DT  A "H5''" 1 
ATOM   409 H "H4'"  . DT  A 1 12 ? 10.404  2.484   10.336  1.00 132.22 ? 12  DT  A "H4'"  1 
ATOM   410 H "H3'"  . DT  A 1 12 ? 9.009   4.801   10.471  1.00 133.52 ? 12  DT  A "H3'"  1 
ATOM   411 H "HO3'" . DT  A 1 12 ? 9.147   4.330   13.044  0.00 122.80 ? 12  DT  A "HO3'" 1 
ATOM   412 H "H2'"  . DT  A 1 12 ? 10.839  6.310   10.518  1.00 142.02 ? 12  DT  A "H2'"  1 
ATOM   413 H "H2''" . DT  A 1 12 ? 10.550  6.097   12.268  1.00 142.02 ? 12  DT  A "H2''" 1 
ATOM   414 H "H1'"  . DT  A 1 12 ? 12.303  4.597   12.525  1.00 148.86 ? 12  DT  A "H1'"  1 
ATOM   415 H H3     . DT  A 1 12 ? 15.171  8.107   11.946  1.00 165.68 ? 12  DT  A H3     1 
ATOM   416 H H71    . DT  A 1 12 ? 16.338  6.551   7.754   1.00 157.26 ? 12  DT  A H71    1 
ATOM   417 H H72    . DT  A 1 12 ? 15.831  4.912   7.856   1.00 157.09 ? 12  DT  A H72    1 
ATOM   418 H H73    . DT  A 1 12 ? 14.785  6.099   7.166   1.00 156.95 ? 12  DT  A H73    1 
ATOM   419 H H6     . DT  A 1 12 ? 13.483  4.680   9.110   1.00 162.80 ? 12  DT  A H6     1 
HETATM 420 K K      . K   B 2 .  ? 4.908   -2.051  -3.746  0.50 44.27  ? 101 K   A K      1 
HETATM 421 K K      . K   C 2 .  ? 6.171   1.221   -3.486  0.50 41.65  ? 102 K   A K      1 
HETATM 422 C C4     . K0F D 3 .  ? -0.297  -9.035  -4.637  0.50 51.15  ? 103 K0F A C4     1 
HETATM 423 C C2     . K0F D 3 .  ? 1.217   -9.989  -2.775  0.50 54.98  ? 103 K0F A C2     1 
HETATM 424 N N1     . K0F D 3 .  ? 5.056   -10.654 0.256   0.50 52.27  ? 103 K0F A N1     1 
HETATM 425 C C6     . K0F D 3 .  ? -2.031  -8.603  -6.425  0.50 45.46  ? 103 K0F A C6     1 
HETATM 426 C C5     . K0F D 3 .  ? -3.326  -8.277  -6.784  0.50 54.04  ? 103 K0F A C5     1 
HETATM 427 C C8     . K0F D 3 .  ? -2.657  -8.255  -4.161  0.50 51.05  ? 103 K0F A C8     1 
HETATM 428 C C1     . K0F D 3 .  ? 1.790   -9.713  -1.374  0.50 51.00  ? 103 K0F A C1     1 
HETATM 429 C C3     . K0F D 3 .  ? -0.096  -9.263  -3.108  0.50 51.53  ? 103 K0F A C3     1 
HETATM 430 N N2     . K0F D 3 .  ? -4.288  -7.963  -5.903  0.50 52.95  ? 103 K0F A N2     1 
HETATM 431 C C7     . K0F D 3 .  ? -1.681  -8.605  -5.084  0.50 48.35  ? 103 K0F A C7     1 
HETATM 432 C C9     . K0F D 3 .  ? -3.933  -7.950  -4.608  0.50 52.71  ? 103 K0F A C9     1 
HETATM 433 O O6     . K0F D 3 .  ? 6.562   -11.721 -5.411  0.50 56.89  ? 103 K0F A O6     1 
HETATM 434 O O7     . K0F D 3 .  ? 7.520   -11.551 -2.863  0.50 57.21  ? 103 K0F A O7     1 
HETATM 435 O O8     . K0F D 3 .  ? -0.385  -8.858  2.175   0.50 86.27  ? 103 K0F A O8     1 
HETATM 436 O O9     . K0F D 3 .  ? 0.473   -9.044  4.313   0.50 89.97  ? 103 K0F A O9     1 
HETATM 437 C C16    . K0F D 3 .  ? 6.054   -11.754 -6.752  0.50 48.01  ? 103 K0F A C16    1 
HETATM 438 C C17    . K0F D 3 .  ? 8.377   -11.485 -4.000  0.50 61.58  ? 103 K0F A C17    1 
HETATM 439 C C18    . K0F D 3 .  ? 5.689   -11.377 -4.418  0.50 48.78  ? 103 K0F A C18    1 
HETATM 440 C C19    . K0F D 3 .  ? 4.365   -11.058 -4.644  0.50 52.28  ? 103 K0F A C19    1 
HETATM 441 C C20    . K0F D 3 .  ? 6.211   -11.279 -3.150  0.50 50.46  ? 103 K0F A C20    1 
HETATM 442 C C21    . K0F D 3 .  ? 3.570   -10.619 -3.629  0.50 49.97  ? 103 K0F A C21    1 
HETATM 443 C C22    . K0F D 3 .  ? 4.067   -10.490 -2.316  0.50 48.51  ? 103 K0F A C22    1 
HETATM 444 C C23    . K0F D 3 .  ? 5.414   -10.846 -2.079  0.50 52.12  ? 103 K0F A C23    1 
HETATM 445 C C24    . K0F D 3 .  ? 5.870   -10.893 -0.764  0.50 57.75  ? 103 K0F A C24    1 
HETATM 446 C C25    . K0F D 3 .  ? 3.789   -10.213 0.062   0.50 48.13  ? 103 K0F A C25    1 
HETATM 447 C C26    . K0F D 3 .  ? 3.240   -10.127 -1.205  0.50 50.14  ? 103 K0F A C26    1 
HETATM 448 C C27    . K0F D 3 .  ? 5.428   -11.205 1.584   0.50 56.01  ? 103 K0F A C27    1 
HETATM 449 C C28    . K0F D 3 .  ? 5.025   -10.247 2.675   0.50 54.55  ? 103 K0F A C28    1 
HETATM 450 C C29    . K0F D 3 .  ? 3.588   -9.828  2.498   0.50 56.96  ? 103 K0F A C29    1 
HETATM 451 C C30    . K0F D 3 .  ? 3.054   -9.773  1.207   0.50 44.83  ? 103 K0F A C30    1 
HETATM 452 C C31    . K0F D 3 .  ? 1.729   -9.393  1.023   0.50 54.51  ? 103 K0F A C31    1 
HETATM 453 C C32    . K0F D 3 .  ? 2.787   -9.527  3.593   0.50 66.29  ? 103 K0F A C32    1 
HETATM 454 C C33    . K0F D 3 .  ? 1.459   -9.275  3.382   0.50 72.68  ? 103 K0F A C33    1 
HETATM 455 C C34    . K0F D 3 .  ? 0.944   -9.204  2.123   0.50 68.24  ? 103 K0F A C34    1 
HETATM 456 C C35    . K0F D 3 .  ? -0.733  -8.950  3.556   0.50 90.33  ? 103 K0F A C35    1 
HETATM 457 H H7     . K0F D 3 .  ? -0.043  -9.956  -5.161  0.50 50.54  ? 103 K0F A H7     1 
HETATM 458 H H8     . K0F D 3 .  ? 0.444   -8.325  -5.002  0.50 50.54  ? 103 K0F A H8     1 
HETATM 459 H H3     . K0F D 3 .  ? 1.071   -11.062 -2.881  0.50 53.18  ? 103 K0F A H3     1 
HETATM 460 H H4     . K0F D 3 .  ? 1.963   -9.755  -3.533  0.50 53.18  ? 103 K0F A H4     1 
HETATM 461 H H10    . K0F D 3 .  ? -1.298  -8.854  -7.190  0.50 48.02  ? 103 K0F A H10    1 
HETATM 462 H H9     . K0F D 3 .  ? -3.635  -8.258  -7.829  0.50 51.61  ? 103 K0F A H9     1 
HETATM 463 H H29    . K0F D 3 .  ? -2.429  -8.219  -3.097  0.50 50.76  ? 103 K0F A H29    1 
HETATM 464 H H2     . K0F D 3 .  ? 1.170   -10.172 -0.607  0.50 51.68  ? 103 K0F A H2     1 
HETATM 465 H H1     . K0F D 3 .  ? 1.709   -8.653  -1.138  0.50 51.68  ? 103 K0F A H1     1 
HETATM 466 H H6     . K0F D 3 .  ? -0.939  -9.824  -2.707  0.50 52.21  ? 103 K0F A H6     1 
HETATM 467 H H5     . K0F D 3 .  ? -0.133  -8.301  -2.598  0.50 52.21  ? 103 K0F A H5     1 
HETATM 468 H H30    . K0F D 3 .  ? -4.727  -7.678  -3.914  0.50 52.35  ? 103 K0F A H30    1 
HETATM 469 H H12    . K0F D 3 .  ? 6.675   -11.205 -7.456  0.50 50.69  ? 103 K0F A H12    1 
HETATM 470 H H11    . K0F D 3 .  ? 5.089   -11.262 -6.642  0.50 50.66  ? 103 K0F A H11    1 
HETATM 471 H H13    . K0F D 3 .  ? 5.883   -12.765 -7.117  0.50 50.60  ? 103 K0F A H13    1 
HETATM 472 H H15    . K0F D 3 .  ? 9.164   -12.236 -3.944  0.50 60.18  ? 103 K0F A H15    1 
HETATM 473 H H14    . K0F D 3 .  ? 8.816   -10.491 -3.926  0.50 60.24  ? 103 K0F A H14    1 
HETATM 474 H H16    . K0F D 3 .  ? 7.871   -11.578 -4.960  0.50 60.18  ? 103 K0F A H16    1 
HETATM 475 H H17    . K0F D 3 .  ? 3.919   -11.149 -5.633  0.50 50.87  ? 103 K0F A H17    1 
HETATM 476 H H18    . K0F D 3 .  ? 2.536   -10.368 -3.857  0.50 50.13  ? 103 K0F A H18    1 
HETATM 477 H H19    . K0F D 3 .  ? 6.915   -11.127 -0.564  0.50 55.05  ? 103 K0F A H19    1 
HETATM 478 H H21    . K0F D 3 .  ? 6.501   -11.390 1.625   0.50 54.74  ? 103 K0F A H21    1 
HETATM 479 H H22    . K0F D 3 .  ? 4.957   -12.175 1.708   0.50 54.74  ? 103 K0F A H22    1 
HETATM 480 H H23    . K0F D 3 .  ? 5.691   -9.390  2.653   0.50 55.43  ? 103 K0F A H23    1 
HETATM 481 H H24    . K0F D 3 .  ? 5.201   -10.717 3.641   0.50 55.43  ? 103 K0F A H24    1 
HETATM 482 H H25    . K0F D 3 .  ? 1.298   -9.245  0.034   0.50 54.89  ? 103 K0F A H25    1 
HETATM 483 H H26    . K0F D 3 .  ? 3.201   -9.436  4.594   0.50 65.35  ? 103 K0F A H26    1 
HETATM 484 H H27    . K0F D 3 .  ? -1.268  -9.885  3.707   0.50 89.23  ? 103 K0F A H27    1 
HETATM 485 H H28    . K0F D 3 .  ? -1.383  -8.138  3.871   0.50 89.25  ? 103 K0F A H28    1 
HETATM 486 O O      . HOH E 4 .  ? 1.608   -8.610  2.394   0.50 47.35  ? 201 HOH A O      1 
HETATM 487 O O      . HOH E 4 .  ? -1.037  -9.568  6.266   1.00 81.68  ? 202 HOH A O      1 
# 
